data_5AYR
#
_entry.id   5AYR
#
_cell.length_a   177.831
_cell.length_b   52.853
_cell.length_c   82.338
_cell.angle_alpha   90.00
_cell.angle_beta   112.36
_cell.angle_gamma   90.00
#
_symmetry.space_group_name_H-M   'C 1 2 1'
#
loop_
_entity.id
_entity.type
_entity.pdbx_description
1 polymer 'Uracil-DNA glycosylase'
2 polymer 'Uncharacterized protein'
3 non-polymer 'MAGNESIUM ION'
4 water water
#
loop_
_entity_poly.entity_id
_entity_poly.type
_entity_poly.pdbx_seq_one_letter_code
_entity_poly.pdbx_strand_id
1 'polypeptide(L)'
;MEFFGESWKKHLSGEFGKPYFIKLMGFVAEERKHYTVYPPPHQVFTWTQMCDIKDVKVVILGQDPYHGPNQAHGLCFSVQ
RPVPPPPSLENIYKELSTDIEDFVHPGHGDLSGWAKQGVLLLNAVLTVRAHQANSHKERGWEQFTDAVVSWLNQNSNGLV
FLLWGSYAQKKGSAIDRKRHHVLQTAHPSPLSVYRGFFGCRHFSKTNELLQKSGKKPIDWKELLEHHHHHH
;
A,C
2 'polypeptide(L)'
;MTLELQLKHYITNLFNLPKDEKWECESIEEIADDILPDQYVRLGALSNKILQTYTYYSDTLHESNIYPFILYYQKQLIAI
GYIDENHDMDFLYLHNTIMPLLDQRYLLTGGQ
;
B,D
#
# COMPACT_ATOMS: atom_id res chain seq x y z
N MET A 1 2.96 -35.59 -1.95
CA MET A 1 3.72 -34.31 -1.74
C MET A 1 5.19 -34.58 -1.44
N GLU A 2 6.05 -34.16 -2.36
CA GLU A 2 7.50 -34.37 -2.25
C GLU A 2 8.21 -33.65 -1.08
N PHE A 3 9.01 -34.41 -0.35
CA PHE A 3 9.86 -33.87 0.73
C PHE A 3 9.04 -33.51 1.97
N PHE A 4 7.85 -34.10 2.05
CA PHE A 4 6.88 -33.80 3.08
C PHE A 4 6.70 -35.05 3.95
N GLY A 5 7.23 -35.00 5.17
CA GLY A 5 7.10 -36.10 6.13
C GLY A 5 5.77 -36.82 6.09
N GLU A 6 5.84 -38.16 6.08
CA GLU A 6 4.67 -39.01 5.88
C GLU A 6 3.63 -39.01 7.01
N SER A 7 4.08 -38.96 8.26
CA SER A 7 3.15 -38.82 9.38
C SER A 7 2.27 -37.56 9.30
N TRP A 8 2.87 -36.46 8.83
CA TRP A 8 2.15 -35.21 8.57
C TRP A 8 1.31 -35.30 7.29
N LYS A 9 1.94 -35.81 6.24
CA LYS A 9 1.25 -36.01 4.97
C LYS A 9 -0.06 -36.71 5.27
N LYS A 10 0.02 -37.77 6.07
CA LYS A 10 -1.12 -38.61 6.44
C LYS A 10 -2.37 -37.80 6.84
N HIS A 11 -2.17 -36.73 7.61
CA HIS A 11 -3.28 -36.02 8.25
C HIS A 11 -3.64 -34.71 7.58
N LEU A 12 -2.73 -34.19 6.76
CA LEU A 12 -2.88 -32.85 6.22
C LEU A 12 -3.17 -32.88 4.71
N SER A 13 -3.02 -34.05 4.10
CA SER A 13 -3.18 -34.18 2.64
C SER A 13 -4.55 -33.77 2.11
N GLY A 14 -5.52 -33.58 2.99
CA GLY A 14 -6.78 -32.95 2.63
C GLY A 14 -6.68 -31.56 2.01
N GLU A 15 -5.54 -30.91 2.19
CA GLU A 15 -5.38 -29.56 1.67
C GLU A 15 -4.86 -29.56 0.25
N PHE A 16 -4.12 -30.61 -0.13
CA PHE A 16 -3.36 -30.56 -1.37
C PHE A 16 -4.29 -30.39 -2.55
N GLY A 17 -5.56 -30.74 -2.31
CA GLY A 17 -6.57 -30.82 -3.35
C GLY A 17 -7.51 -29.64 -3.36
N LYS A 18 -7.47 -28.79 -2.34
CA LYS A 18 -8.26 -27.55 -2.35
C LYS A 18 -7.72 -26.55 -3.37
N PRO A 19 -8.60 -25.74 -3.99
CA PRO A 19 -8.17 -24.90 -5.09
C PRO A 19 -7.08 -23.89 -4.71
N TYR A 20 -7.19 -23.27 -3.53
CA TYR A 20 -6.16 -22.36 -3.04
C TYR A 20 -4.79 -23.02 -2.98
N PHE A 21 -4.74 -24.30 -2.62
CA PHE A 21 -3.46 -24.98 -2.49
C PHE A 21 -2.84 -25.28 -3.85
N ILE A 22 -3.69 -25.72 -4.77
CA ILE A 22 -3.25 -26.03 -6.12
C ILE A 22 -2.71 -24.76 -6.76
N LYS A 23 -3.41 -23.64 -6.56
CA LYS A 23 -2.93 -22.35 -7.02
C LYS A 23 -1.60 -21.95 -6.35
N LEU A 24 -1.59 -21.96 -5.01
CA LEU A 24 -0.35 -21.75 -4.28
C LEU A 24 0.82 -22.49 -4.92
N MET A 25 0.63 -23.78 -5.18
CA MET A 25 1.71 -24.63 -5.70
C MET A 25 2.18 -24.18 -7.08
N GLY A 26 1.23 -23.66 -7.85
CA GLY A 26 1.49 -23.33 -9.25
C GLY A 26 2.25 -22.04 -9.25
N PHE A 27 1.84 -21.16 -8.33
CA PHE A 27 2.54 -19.91 -8.10
C PHE A 27 4.02 -20.13 -7.74
N VAL A 28 4.28 -21.00 -6.77
CA VAL A 28 5.63 -21.21 -6.27
C VAL A 28 6.45 -21.89 -7.37
N ALA A 29 5.81 -22.79 -8.10
CA ALA A 29 6.46 -23.43 -9.25
C ALA A 29 6.89 -22.42 -10.32
N GLU A 30 6.02 -21.46 -10.60
CA GLU A 30 6.32 -20.43 -11.59
C GLU A 30 7.41 -19.52 -11.04
N GLU A 31 7.33 -19.27 -9.73
CA GLU A 31 8.28 -18.42 -9.05
C GLU A 31 9.69 -18.99 -9.18
N ARG A 32 9.78 -20.32 -9.12
CA ARG A 32 11.09 -20.97 -9.13
C ARG A 32 11.69 -21.02 -10.53
N LYS A 33 10.91 -20.65 -11.54
CA LYS A 33 11.42 -20.48 -12.90
C LYS A 33 12.14 -19.15 -13.08
N HIS A 34 11.61 -18.12 -12.44
CA HIS A 34 12.16 -16.78 -12.63
C HIS A 34 13.10 -16.33 -11.53
N TYR A 35 12.96 -16.91 -10.35
CA TYR A 35 13.68 -16.43 -9.17
C TYR A 35 14.27 -17.59 -8.39
N THR A 36 15.41 -17.38 -7.72
CA THR A 36 15.74 -18.24 -6.57
C THR A 36 14.71 -18.03 -5.47
N VAL A 37 14.16 -19.13 -4.96
CA VAL A 37 13.17 -19.12 -3.88
C VAL A 37 13.71 -19.90 -2.69
N TYR A 38 13.52 -19.37 -1.50
CA TYR A 38 13.96 -20.08 -0.31
C TYR A 38 12.76 -20.52 0.53
N PRO A 39 12.88 -21.66 1.21
CA PRO A 39 13.98 -22.61 1.18
C PRO A 39 13.97 -23.40 -0.11
N PRO A 40 15.13 -23.98 -0.51
CA PRO A 40 15.07 -24.87 -1.69
C PRO A 40 14.01 -25.92 -1.43
N PRO A 41 13.55 -26.61 -2.49
CA PRO A 41 12.35 -27.43 -2.35
C PRO A 41 12.43 -28.47 -1.24
N HIS A 42 13.56 -29.17 -1.12
CA HIS A 42 13.65 -30.25 -0.13
C HIS A 42 13.58 -29.75 1.31
N GLN A 43 13.73 -28.44 1.51
CA GLN A 43 13.69 -27.90 2.86
C GLN A 43 12.45 -27.05 3.18
N VAL A 44 11.51 -26.97 2.25
CA VAL A 44 10.30 -26.16 2.50
C VAL A 44 9.57 -26.75 3.68
N PHE A 45 9.72 -28.06 3.90
CA PHE A 45 8.93 -28.80 4.90
C PHE A 45 9.76 -29.52 5.95
N THR A 46 10.92 -28.95 6.28
CA THR A 46 11.81 -29.54 7.25
C THR A 46 11.06 -29.83 8.53
N TRP A 47 10.07 -28.98 8.82
CA TRP A 47 9.30 -29.10 10.05
C TRP A 47 8.43 -30.35 10.04
N THR A 48 8.28 -31.00 8.89
CA THR A 48 7.48 -32.23 8.86
C THR A 48 8.39 -33.43 8.94
N GLN A 49 9.69 -33.20 9.02
CA GLN A 49 10.67 -34.27 8.91
C GLN A 49 11.49 -34.44 10.19
N MET A 50 11.55 -33.43 11.04
CA MET A 50 12.37 -33.55 12.26
C MET A 50 11.69 -34.40 13.32
N CYS A 51 10.37 -34.51 13.25
CA CYS A 51 9.68 -35.33 14.22
C CYS A 51 8.31 -35.75 13.70
N ASP A 52 7.75 -36.82 14.26
CA ASP A 52 6.42 -37.30 13.92
C ASP A 52 5.39 -36.27 14.39
N ILE A 53 4.30 -36.11 13.64
CA ILE A 53 3.26 -35.15 14.01
C ILE A 53 2.68 -35.40 15.40
N LYS A 54 2.71 -36.65 15.86
CA LYS A 54 2.26 -36.97 17.22
C LYS A 54 3.30 -36.68 18.32
N ASP A 55 4.58 -36.49 17.96
CA ASP A 55 5.58 -36.10 18.96
C ASP A 55 5.57 -34.57 19.24
N VAL A 56 4.73 -33.81 18.55
CA VAL A 56 4.70 -32.35 18.71
C VAL A 56 4.18 -31.91 20.08
N LYS A 57 4.98 -31.18 20.84
CA LYS A 57 4.59 -30.78 22.19
C LYS A 57 4.58 -29.27 22.38
N VAL A 58 5.38 -28.57 21.57
CA VAL A 58 5.53 -27.13 21.70
C VAL A 58 5.44 -26.54 20.30
N VAL A 59 4.67 -25.46 20.18
CA VAL A 59 4.49 -24.78 18.92
C VAL A 59 4.87 -23.32 18.97
N ILE A 60 5.70 -22.91 18.02
CA ILE A 60 6.12 -21.51 17.96
C ILE A 60 5.81 -20.98 16.59
N LEU A 61 4.91 -19.99 16.55
CA LEU A 61 4.45 -19.46 15.27
C LEU A 61 5.34 -18.32 14.79
N GLY A 62 5.92 -18.47 13.60
CA GLY A 62 6.78 -17.47 12.99
C GLY A 62 6.13 -16.78 11.80
N GLN A 63 6.91 -15.93 11.11
CA GLN A 63 6.34 -15.16 10.00
C GLN A 63 6.69 -15.72 8.60
N ASP A 64 7.63 -15.07 7.89
CA ASP A 64 8.22 -15.69 6.70
C ASP A 64 9.67 -16.15 6.84
N PRO A 65 10.15 -16.91 5.85
CA PRO A 65 11.49 -17.43 6.00
C PRO A 65 12.51 -16.35 5.75
N TYR A 66 13.67 -16.50 6.34
CA TYR A 66 14.77 -15.63 5.99
C TYR A 66 15.02 -15.70 4.50
N HIS A 67 15.37 -14.57 3.90
CA HIS A 67 15.39 -14.44 2.47
C HIS A 67 16.74 -14.24 1.84
N GLY A 68 17.82 -14.59 2.56
CA GLY A 68 19.13 -14.71 1.92
C GLY A 68 19.74 -16.10 1.78
N PRO A 69 20.82 -16.21 0.99
CA PRO A 69 21.49 -17.46 0.65
C PRO A 69 21.88 -18.28 1.88
N ASN A 70 21.48 -19.55 1.91
CA ASN A 70 21.92 -20.43 2.99
C ASN A 70 21.34 -20.01 4.35
N GLN A 71 20.22 -19.29 4.39
CA GLN A 71 19.61 -18.96 5.67
C GLN A 71 18.46 -19.91 6.05
N ALA A 72 17.28 -19.70 5.48
CA ALA A 72 16.13 -20.52 5.79
C ALA A 72 16.41 -21.98 5.48
N HIS A 73 15.84 -22.86 6.31
CA HIS A 73 15.84 -24.27 6.03
C HIS A 73 14.61 -24.93 6.61
N GLY A 74 13.51 -24.21 6.75
CA GLY A 74 12.27 -24.91 6.98
C GLY A 74 11.79 -24.83 8.40
N LEU A 75 12.53 -24.08 9.23
CA LEU A 75 12.18 -23.93 10.63
C LEU A 75 12.20 -22.46 11.08
N CYS A 76 11.12 -22.00 11.74
CA CYS A 76 11.02 -20.58 12.05
C CYS A 76 12.10 -20.16 13.06
N PHE A 77 12.63 -18.95 12.90
CA PHE A 77 13.76 -18.46 13.71
C PHE A 77 15.10 -19.19 13.55
N SER A 78 15.19 -20.18 12.67
CA SER A 78 16.40 -20.99 12.50
C SER A 78 17.14 -20.67 11.20
N VAL A 79 18.46 -20.49 11.31
CA VAL A 79 19.34 -20.45 10.14
C VAL A 79 20.33 -21.64 10.15
N GLN A 80 20.76 -22.07 8.96
CA GLN A 80 21.83 -23.05 8.78
C GLN A 80 23.17 -22.44 9.21
N ARG A 81 24.09 -23.25 9.74
CA ARG A 81 25.45 -22.79 10.02
C ARG A 81 26.12 -22.59 8.66
N PRO A 82 27.08 -21.66 8.57
CA PRO A 82 27.78 -20.88 9.61
C PRO A 82 27.16 -19.48 9.72
N VAL A 83 26.00 -19.33 9.08
CA VAL A 83 25.29 -18.06 9.00
C VAL A 83 24.95 -17.58 10.40
N PRO A 84 25.23 -16.32 10.71
CA PRO A 84 25.04 -15.92 12.10
C PRO A 84 23.58 -16.02 12.51
N PRO A 85 23.31 -16.32 13.77
CA PRO A 85 21.92 -16.23 14.23
C PRO A 85 21.35 -14.83 14.03
N PRO A 86 20.08 -14.72 13.64
CA PRO A 86 19.43 -13.44 13.43
C PRO A 86 19.18 -12.73 14.75
N PRO A 87 18.88 -11.42 14.71
CA PRO A 87 18.78 -10.66 15.97
C PRO A 87 17.64 -11.15 16.86
N SER A 88 16.56 -11.65 16.28
CA SER A 88 15.51 -12.30 17.08
C SER A 88 16.05 -13.48 17.85
N LEU A 89 16.78 -14.34 17.15
CA LEU A 89 17.32 -15.54 17.77
C LEU A 89 18.38 -15.23 18.83
N GLU A 90 19.20 -14.20 18.62
CA GLU A 90 20.12 -13.71 19.67
C GLU A 90 19.36 -13.33 20.93
N ASN A 91 18.19 -12.73 20.79
CA ASN A 91 17.41 -12.36 21.96
C ASN A 91 16.74 -13.58 22.61
N ILE A 92 16.31 -14.53 21.81
CA ILE A 92 15.81 -15.80 22.35
C ILE A 92 16.94 -16.45 23.16
N TYR A 93 18.15 -16.46 22.64
CA TYR A 93 19.29 -17.00 23.38
C TYR A 93 19.58 -16.21 24.68
N LYS A 94 19.34 -14.91 24.68
CA LYS A 94 19.55 -14.07 25.86
C LYS A 94 18.57 -14.47 26.94
N GLU A 95 17.28 -14.50 26.58
CA GLU A 95 16.24 -14.84 27.54
C GLU A 95 16.50 -16.23 28.07
N LEU A 96 16.93 -17.13 27.20
CA LEU A 96 17.20 -18.49 27.64
C LEU A 96 18.27 -18.51 28.73
N SER A 97 19.27 -17.64 28.63
CA SER A 97 20.50 -17.84 29.37
C SER A 97 20.29 -17.25 30.76
N THR A 98 19.20 -16.50 30.90
CA THR A 98 18.71 -16.11 32.22
C THR A 98 17.61 -17.07 32.67
N ASP A 99 16.82 -17.57 31.72
CA ASP A 99 15.62 -18.35 32.04
C ASP A 99 15.99 -19.77 32.40
N ILE A 100 17.05 -20.30 31.79
CA ILE A 100 17.29 -21.72 31.79
C ILE A 100 18.71 -21.98 32.32
N GLU A 101 18.81 -22.76 33.39
CA GLU A 101 20.09 -22.95 34.03
C GLU A 101 21.22 -23.43 33.10
N ASP A 102 22.33 -22.68 33.12
CA ASP A 102 23.52 -23.04 32.36
C ASP A 102 23.32 -23.01 30.84
N PHE A 103 22.27 -22.36 30.37
CA PHE A 103 22.16 -22.16 28.94
C PHE A 103 23.30 -21.28 28.46
N VAL A 104 24.07 -21.81 27.51
CA VAL A 104 25.13 -21.06 26.85
C VAL A 104 24.70 -20.77 25.42
N HIS A 105 25.08 -19.60 24.93
CA HIS A 105 24.94 -19.32 23.50
C HIS A 105 25.73 -20.40 22.75
N PRO A 106 25.03 -21.15 21.88
CA PRO A 106 25.62 -22.31 21.23
C PRO A 106 26.52 -21.96 20.04
N GLY A 107 26.69 -20.67 19.76
CA GLY A 107 27.55 -20.22 18.68
C GLY A 107 27.02 -20.46 17.28
N HIS A 108 25.77 -20.92 17.18
CA HIS A 108 25.10 -21.12 15.90
C HIS A 108 23.59 -20.94 16.05
N GLY A 109 22.87 -20.98 14.93
CA GLY A 109 21.44 -20.73 14.95
C GLY A 109 20.62 -21.86 14.34
N ASP A 110 21.19 -23.07 14.29
CA ASP A 110 20.41 -24.22 13.88
C ASP A 110 19.56 -24.80 14.99
N LEU A 111 18.24 -24.73 14.84
CA LEU A 111 17.33 -25.11 15.89
C LEU A 111 16.80 -26.51 15.69
N SER A 112 17.54 -27.28 14.89
CA SER A 112 17.19 -28.67 14.59
C SER A 112 17.00 -29.51 15.85
N GLY A 113 17.90 -29.37 16.83
CA GLY A 113 17.80 -30.08 18.11
C GLY A 113 16.52 -29.81 18.89
N TRP A 114 15.93 -28.63 18.73
CA TRP A 114 14.59 -28.38 19.29
C TRP A 114 13.54 -29.12 18.49
N ALA A 115 13.67 -29.09 17.16
CA ALA A 115 12.68 -29.70 16.31
C ALA A 115 12.53 -31.19 16.64
N LYS A 116 13.67 -31.87 16.74
CA LYS A 116 13.70 -33.32 16.95
C LYS A 116 12.92 -33.70 18.22
N GLN A 117 12.92 -32.78 19.17
CA GLN A 117 12.23 -33.00 20.42
C GLN A 117 10.71 -32.74 20.38
N GLY A 118 10.16 -32.29 19.26
CA GLY A 118 8.74 -31.99 19.21
C GLY A 118 8.37 -30.55 19.51
N VAL A 119 9.35 -29.68 19.42
CA VAL A 119 9.11 -28.26 19.20
C VAL A 119 8.84 -27.93 17.72
N LEU A 120 7.62 -27.56 17.41
CA LEU A 120 7.23 -27.28 16.03
C LEU A 120 7.57 -25.81 15.79
N LEU A 121 8.41 -25.58 14.78
CA LEU A 121 8.89 -24.25 14.42
C LEU A 121 8.21 -23.84 13.11
N LEU A 122 6.96 -23.37 13.21
CA LEU A 122 6.12 -23.21 12.03
C LEU A 122 5.96 -21.77 11.55
N ASN A 123 6.60 -21.41 10.44
CA ASN A 123 6.44 -20.10 9.86
C ASN A 123 5.02 -20.02 9.30
N ALA A 124 4.43 -18.84 9.24
CA ALA A 124 3.12 -18.74 8.63
C ALA A 124 3.18 -18.83 7.09
N VAL A 125 4.26 -18.28 6.53
CA VAL A 125 4.51 -18.29 5.09
C VAL A 125 5.81 -19.10 4.87
N LEU A 126 5.75 -20.07 3.97
CA LEU A 126 6.71 -21.17 3.93
C LEU A 126 7.72 -20.96 2.81
N THR A 127 7.46 -20.01 1.91
CA THR A 127 8.46 -19.63 0.90
C THR A 127 8.67 -18.12 0.75
N VAL A 128 9.77 -17.77 0.10
CA VAL A 128 10.01 -16.36 -0.16
C VAL A 128 10.95 -16.23 -1.36
N ARG A 129 10.83 -15.14 -2.10
CA ARG A 129 11.81 -14.81 -3.11
C ARG A 129 13.09 -14.40 -2.41
N ALA A 130 14.22 -14.82 -2.96
CA ALA A 130 15.49 -14.36 -2.44
C ALA A 130 15.53 -12.86 -2.55
N HIS A 131 15.96 -12.22 -1.46
CA HIS A 131 16.24 -10.76 -1.39
C HIS A 131 14.98 -9.90 -1.35
N GLN A 132 13.80 -10.52 -1.30
CA GLN A 132 12.55 -9.77 -1.23
C GLN A 132 11.70 -10.31 -0.10
N ALA A 133 11.96 -9.77 1.09
CA ALA A 133 11.13 -10.02 2.25
C ALA A 133 9.65 -9.85 1.87
N ASN A 134 8.80 -10.78 2.33
CA ASN A 134 7.33 -10.78 2.19
C ASN A 134 6.71 -11.05 0.84
N SER A 135 7.58 -11.36 -0.11
CA SER A 135 7.23 -11.50 -1.51
C SER A 135 6.25 -12.64 -1.75
N HIS A 136 6.15 -13.62 -0.87
CA HIS A 136 5.10 -14.66 -0.96
C HIS A 136 3.97 -14.58 0.07
N LYS A 137 3.84 -13.40 0.68
CA LYS A 137 2.74 -13.08 1.57
C LYS A 137 1.44 -13.16 0.78
N GLU A 138 0.42 -13.75 1.39
CA GLU A 138 -0.94 -13.67 0.92
C GLU A 138 -1.15 -14.42 -0.40
N ARG A 139 -0.50 -15.57 -0.52
CA ARG A 139 -0.66 -16.36 -1.73
C ARG A 139 -1.13 -17.79 -1.46
N GLY A 140 -1.59 -18.02 -0.24
CA GLY A 140 -2.09 -19.34 0.14
C GLY A 140 -1.37 -19.94 1.33
N TRP A 141 -0.19 -19.46 1.69
CA TRP A 141 0.55 -20.24 2.67
C TRP A 141 -0.18 -20.07 3.99
N GLU A 142 -0.75 -18.88 4.21
CA GLU A 142 -1.35 -18.54 5.50
C GLU A 142 -2.52 -19.48 5.82
N GLN A 143 -3.32 -19.79 4.81
CA GLN A 143 -4.40 -20.75 4.97
C GLN A 143 -3.83 -22.14 5.20
N PHE A 144 -2.75 -22.49 4.51
CA PHE A 144 -2.17 -23.81 4.75
C PHE A 144 -1.66 -23.95 6.18
N THR A 145 -0.95 -22.95 6.69
CA THR A 145 -0.42 -23.08 8.03
C THR A 145 -1.47 -22.83 9.11
N ASP A 146 -2.49 -22.04 8.83
CA ASP A 146 -3.73 -22.01 9.62
C ASP A 146 -4.33 -23.40 9.81
N ALA A 147 -4.40 -24.17 8.73
CA ALA A 147 -4.89 -25.55 8.82
C ALA A 147 -4.00 -26.42 9.71
N VAL A 148 -2.69 -26.19 9.64
CA VAL A 148 -1.78 -26.99 10.46
C VAL A 148 -2.09 -26.65 11.92
N VAL A 149 -2.40 -25.39 12.17
CA VAL A 149 -2.61 -24.96 13.53
C VAL A 149 -3.93 -25.55 14.02
N SER A 150 -4.91 -25.63 13.12
CA SER A 150 -6.22 -26.17 13.47
C SER A 150 -6.19 -27.67 13.73
N TRP A 151 -5.53 -28.41 12.82
CA TRP A 151 -5.30 -29.82 13.03
C TRP A 151 -4.72 -30.08 14.39
N LEU A 152 -3.71 -29.29 14.76
CA LEU A 152 -3.10 -29.40 16.08
C LEU A 152 -4.04 -29.06 17.24
N ASN A 153 -4.78 -27.95 17.09
CA ASN A 153 -5.77 -27.52 18.07
C ASN A 153 -6.79 -28.64 18.35
N GLN A 154 -7.22 -29.32 17.30
CA GLN A 154 -8.35 -30.25 17.36
C GLN A 154 -7.93 -31.69 17.62
N ASN A 155 -6.69 -32.02 17.30
CA ASN A 155 -6.20 -33.40 17.38
C ASN A 155 -5.15 -33.67 18.46
N SER A 156 -5.05 -32.82 19.47
CA SER A 156 -4.04 -33.02 20.52
C SER A 156 -4.56 -32.39 21.80
N ASN A 157 -3.82 -32.56 22.89
CA ASN A 157 -4.20 -31.92 24.15
C ASN A 157 -2.98 -31.45 24.91
N GLY A 158 -3.10 -30.27 25.51
CA GLY A 158 -2.03 -29.74 26.33
C GLY A 158 -0.76 -29.33 25.60
N LEU A 159 -0.88 -28.92 24.34
CA LEU A 159 0.29 -28.33 23.69
C LEU A 159 0.60 -27.01 24.36
N VAL A 160 1.85 -26.60 24.29
CA VAL A 160 2.21 -25.23 24.67
C VAL A 160 2.48 -24.43 23.41
N PHE A 161 1.63 -23.43 23.17
CA PHE A 161 1.89 -22.51 22.07
C PHE A 161 2.62 -21.28 22.56
N LEU A 162 3.75 -20.93 21.93
CA LEU A 162 4.43 -19.66 22.21
C LEU A 162 4.16 -18.59 21.16
N LEU A 163 3.36 -17.59 21.53
CA LEU A 163 2.89 -16.58 20.60
C LEU A 163 3.61 -15.23 20.80
N TRP A 164 4.59 -14.97 19.93
CA TRP A 164 5.43 -13.78 20.09
C TRP A 164 5.09 -12.75 19.01
N GLY A 165 4.62 -11.57 19.45
CA GLY A 165 4.21 -10.54 18.53
C GLY A 165 2.73 -10.63 18.24
N SER A 166 2.16 -9.52 17.79
CA SER A 166 0.76 -9.44 17.55
C SER A 166 0.34 -10.34 16.36
N TYR A 167 1.25 -10.49 15.40
CA TYR A 167 0.95 -11.30 14.24
C TYR A 167 0.69 -12.75 14.63
N ALA A 168 1.67 -13.34 15.31
CA ALA A 168 1.58 -14.71 15.73
C ALA A 168 0.41 -14.83 16.68
N GLN A 169 0.09 -13.72 17.35
CA GLN A 169 -1.01 -13.72 18.32
C GLN A 169 -2.37 -13.82 17.65
N LYS A 170 -2.60 -13.03 16.62
CA LYS A 170 -3.78 -13.20 15.78
C LYS A 170 -3.87 -14.58 15.13
N LYS A 171 -2.74 -15.14 14.71
CA LYS A 171 -2.75 -16.49 14.13
C LYS A 171 -3.20 -17.56 15.13
N GLY A 172 -2.97 -17.30 16.42
CA GLY A 172 -3.22 -18.29 17.46
C GLY A 172 -4.47 -17.94 18.25
N SER A 173 -5.22 -16.93 17.79
CA SER A 173 -6.34 -16.40 18.58
C SER A 173 -7.57 -17.30 18.62
N ALA A 174 -7.42 -18.54 18.16
CA ALA A 174 -8.54 -19.50 18.09
C ALA A 174 -8.16 -20.83 18.72
N ILE A 175 -6.91 -20.94 19.18
CA ILE A 175 -6.53 -22.08 19.99
C ILE A 175 -7.44 -22.16 21.22
N ASP A 176 -7.99 -23.35 21.49
CA ASP A 176 -8.85 -23.60 22.65
C ASP A 176 -8.01 -23.50 23.91
N ARG A 177 -8.27 -22.49 24.73
CA ARG A 177 -7.44 -22.29 25.90
C ARG A 177 -7.90 -23.20 27.03
N LYS A 178 -8.96 -23.95 26.79
CA LYS A 178 -9.35 -25.00 27.73
C LYS A 178 -8.44 -26.22 27.61
N ARG A 179 -8.08 -26.59 26.38
CA ARG A 179 -7.27 -27.78 26.23
C ARG A 179 -5.78 -27.56 25.98
N HIS A 180 -5.39 -26.31 25.68
CA HIS A 180 -4.01 -25.98 25.31
C HIS A 180 -3.42 -24.79 26.06
N HIS A 181 -2.12 -24.86 26.33
CA HIS A 181 -1.43 -23.74 26.95
C HIS A 181 -0.96 -22.72 25.91
N VAL A 182 -1.36 -21.48 26.13
CA VAL A 182 -0.97 -20.38 25.29
C VAL A 182 -0.24 -19.29 26.07
N LEU A 183 1.04 -19.09 25.76
CA LEU A 183 1.84 -18.05 26.41
C LEU A 183 2.23 -16.97 25.40
N GLN A 184 2.00 -15.72 25.77
CA GLN A 184 2.04 -14.61 24.83
C GLN A 184 2.97 -13.54 25.38
N THR A 185 3.67 -12.85 24.49
CA THR A 185 4.46 -11.68 24.86
C THR A 185 4.96 -11.00 23.59
N ALA A 186 5.68 -9.89 23.75
CA ALA A 186 6.20 -9.12 22.61
C ALA A 186 7.06 -9.99 21.69
N HIS A 187 7.23 -9.56 20.45
CA HIS A 187 8.13 -10.24 19.52
C HIS A 187 9.59 -10.08 19.98
N PRO A 188 10.43 -11.13 19.90
CA PRO A 188 11.83 -10.98 20.38
C PRO A 188 12.72 -10.11 19.47
N SER A 189 12.17 -9.56 18.39
CA SER A 189 12.99 -8.70 17.54
C SER A 189 13.60 -7.57 18.40
N PRO A 190 14.82 -7.15 18.08
CA PRO A 190 15.40 -6.05 18.86
C PRO A 190 14.47 -4.84 18.94
N LEU A 191 13.61 -4.68 17.93
CA LEU A 191 12.69 -3.53 17.86
C LEU A 191 11.61 -3.57 18.91
N SER A 192 11.23 -4.76 19.37
CA SER A 192 10.10 -4.86 20.28
C SER A 192 10.40 -5.68 21.54
N VAL A 193 11.62 -6.20 21.64
CA VAL A 193 11.99 -7.18 22.68
C VAL A 193 11.84 -6.68 24.12
N TYR A 194 12.16 -5.40 24.33
CA TYR A 194 12.00 -4.75 25.63
C TYR A 194 10.55 -4.45 25.99
N ARG A 195 9.58 -4.89 25.17
CA ARG A 195 8.17 -4.68 25.52
C ARG A 195 7.47 -5.91 26.08
N GLY A 196 8.23 -6.85 26.64
CA GLY A 196 7.66 -8.09 27.15
C GLY A 196 8.56 -9.32 27.03
N PHE A 197 9.26 -9.44 25.91
CA PHE A 197 9.97 -10.67 25.67
C PHE A 197 11.03 -10.93 26.73
N PHE A 198 11.88 -9.94 27.01
CA PHE A 198 12.91 -10.15 28.01
C PHE A 198 12.18 -10.23 29.33
N GLY A 199 12.43 -11.31 30.06
CA GLY A 199 11.74 -11.60 31.32
C GLY A 199 10.41 -12.33 31.15
N CYS A 200 10.10 -12.80 29.95
CA CYS A 200 8.88 -13.60 29.82
C CYS A 200 9.03 -15.00 30.43
N ARG A 201 10.26 -15.49 30.52
CA ARG A 201 10.50 -16.85 31.05
C ARG A 201 9.70 -17.99 30.42
N HIS A 202 9.51 -17.96 29.11
CA HIS A 202 8.59 -18.86 28.42
C HIS A 202 9.13 -20.28 28.32
N PHE A 203 10.45 -20.40 28.32
CA PHE A 203 11.11 -21.69 28.14
C PHE A 203 11.03 -22.61 29.36
N SER A 204 11.17 -21.99 30.53
CA SER A 204 10.94 -22.65 31.82
C SER A 204 9.45 -22.83 32.08
N LYS A 205 8.63 -21.87 31.67
CA LYS A 205 7.19 -22.01 31.90
C LYS A 205 6.65 -23.17 31.08
N THR A 206 7.10 -23.25 29.83
CA THR A 206 6.75 -24.37 28.96
C THR A 206 7.13 -25.70 29.60
N ASN A 207 8.38 -25.79 30.09
CA ASN A 207 8.86 -26.98 30.79
C ASN A 207 8.07 -27.39 32.02
N GLU A 208 7.67 -26.40 32.83
CA GLU A 208 6.78 -26.64 33.96
C GLU A 208 5.40 -27.13 33.50
N LEU A 209 4.86 -26.48 32.46
CA LEU A 209 3.55 -26.84 31.92
C LEU A 209 3.58 -28.19 31.22
N LEU A 210 4.76 -28.62 30.77
CA LEU A 210 4.86 -29.92 30.11
C LEU A 210 4.93 -31.07 31.12
N GLN A 211 5.84 -30.90 32.09
CA GLN A 211 5.91 -31.70 33.31
C GLN A 211 4.54 -31.88 33.98
N LYS A 212 3.89 -30.75 34.29
CA LYS A 212 2.51 -30.74 34.76
C LYS A 212 1.54 -31.56 33.88
N SER A 213 1.71 -31.52 32.56
CA SER A 213 0.81 -32.17 31.61
C SER A 213 1.15 -33.65 31.37
N GLY A 214 2.02 -34.20 32.21
CA GLY A 214 2.48 -35.56 32.03
C GLY A 214 3.39 -35.83 30.84
N LYS A 215 4.09 -34.81 30.36
CA LYS A 215 5.02 -35.04 29.25
C LYS A 215 6.45 -34.64 29.60
N LYS A 216 7.40 -35.15 28.82
CA LYS A 216 8.81 -34.86 29.07
C LYS A 216 9.17 -33.45 28.63
N PRO A 217 9.96 -32.72 29.45
CA PRO A 217 10.32 -31.33 29.20
C PRO A 217 11.18 -31.16 27.95
N ILE A 218 11.33 -29.93 27.47
CA ILE A 218 12.24 -29.66 26.35
C ILE A 218 13.65 -29.47 26.89
N ASP A 219 14.60 -30.20 26.34
CA ASP A 219 15.98 -29.87 26.63
C ASP A 219 16.41 -28.70 25.76
N TRP A 220 16.29 -27.49 26.28
CA TRP A 220 16.62 -26.30 25.49
C TRP A 220 18.08 -26.26 25.13
N LYS A 221 18.92 -26.98 25.85
CA LYS A 221 20.35 -27.00 25.62
C LYS A 221 20.77 -27.97 24.51
N GLU A 222 19.85 -28.82 24.06
CA GLU A 222 20.22 -29.92 23.15
C GLU A 222 20.43 -29.35 21.76
N LEU A 223 20.96 -28.13 21.72
CA LEU A 223 21.53 -27.56 20.51
C LEU A 223 23.03 -27.82 20.56
N LEU A 224 23.61 -27.51 21.72
CA LEU A 224 25.05 -27.52 21.93
C LEU A 224 25.60 -28.91 22.25
N MET B 1 22.60 3.69 -6.25
CA MET B 1 23.00 3.00 -5.00
C MET B 1 21.78 2.91 -4.08
N THR B 2 21.37 1.68 -3.74
CA THR B 2 20.20 1.44 -2.90
C THR B 2 20.29 2.10 -1.52
N LEU B 3 19.13 2.41 -0.94
CA LEU B 3 19.04 2.98 0.40
C LEU B 3 19.78 2.13 1.43
N GLU B 4 19.34 0.89 1.57
CA GLU B 4 20.08 -0.19 2.21
C GLU B 4 21.62 -0.02 2.21
N LEU B 5 22.17 0.16 1.02
CA LEU B 5 23.61 0.28 0.83
C LEU B 5 24.15 1.61 1.35
N GLN B 6 23.31 2.64 1.34
CA GLN B 6 23.76 3.94 1.81
C GLN B 6 23.81 3.93 3.31
N LEU B 7 22.97 3.12 3.93
CA LEU B 7 22.79 3.17 5.37
C LEU B 7 23.92 2.35 5.98
N LYS B 8 24.29 1.29 5.26
CA LYS B 8 25.46 0.46 5.54
C LYS B 8 26.74 1.29 5.49
N HIS B 9 26.86 2.11 4.46
CA HIS B 9 28.05 2.94 4.35
C HIS B 9 28.18 3.91 5.53
N TYR B 10 27.08 4.59 5.86
CA TYR B 10 27.06 5.51 7.01
C TYR B 10 27.33 4.80 8.33
N ILE B 11 26.76 3.61 8.49
CA ILE B 11 26.91 2.88 9.72
C ILE B 11 28.33 2.33 9.87
N THR B 12 28.96 1.91 8.77
CA THR B 12 30.32 1.41 8.82
C THR B 12 31.29 2.55 9.08
N ASN B 13 30.96 3.74 8.58
CA ASN B 13 31.77 4.91 8.90
C ASN B 13 31.58 5.32 10.34
N LEU B 14 30.33 5.56 10.72
CA LEU B 14 30.05 6.02 12.07
C LEU B 14 30.68 5.09 13.10
N PHE B 15 30.62 3.77 12.89
CA PHE B 15 30.99 2.83 13.94
C PHE B 15 32.30 2.08 13.71
N ASN B 16 33.04 2.47 12.68
CA ASN B 16 34.33 1.84 12.37
C ASN B 16 34.20 0.35 12.09
N LEU B 17 33.16 -0.03 11.35
CA LEU B 17 32.97 -1.45 10.98
C LEU B 17 33.64 -1.88 9.69
N PRO B 18 33.70 -3.21 9.44
CA PRO B 18 34.29 -3.64 8.18
C PRO B 18 33.42 -3.23 7.01
N LYS B 19 34.05 -2.52 6.07
CA LYS B 19 33.39 -2.03 4.87
C LYS B 19 32.67 -3.13 4.08
N ASP B 20 33.32 -4.29 3.92
CA ASP B 20 32.80 -5.37 3.07
C ASP B 20 32.18 -6.58 3.80
N GLU B 21 31.98 -6.48 5.11
CA GLU B 21 31.35 -7.60 5.79
C GLU B 21 29.97 -7.76 5.22
N LYS B 22 29.55 -9.00 5.05
CA LYS B 22 28.24 -9.28 4.50
C LYS B 22 27.22 -8.91 5.56
N TRP B 23 26.22 -8.11 5.17
CA TRP B 23 25.06 -7.86 6.04
C TRP B 23 23.87 -8.73 5.67
N GLU B 24 23.16 -9.25 6.67
CA GLU B 24 21.90 -9.93 6.41
C GLU B 24 20.72 -9.11 6.93
N CYS B 25 19.49 -9.54 6.64
CA CYS B 25 18.33 -8.77 7.01
C CYS B 25 17.31 -9.59 7.77
N GLU B 26 16.70 -9.04 8.82
CA GLU B 26 15.53 -9.70 9.38
C GLU B 26 14.26 -8.91 9.15
N SER B 27 13.20 -9.59 8.71
CA SER B 27 12.05 -8.81 8.31
C SER B 27 10.79 -9.26 9.04
N ILE B 28 10.19 -8.36 9.83
CA ILE B 28 9.18 -8.65 10.85
C ILE B 28 8.03 -7.64 10.72
N GLU B 29 6.81 -8.14 10.72
CA GLU B 29 5.63 -7.29 10.73
C GLU B 29 5.32 -7.05 12.20
N GLU B 30 4.96 -5.82 12.56
CA GLU B 30 4.50 -5.50 13.91
C GLU B 30 3.77 -4.16 13.90
N ILE B 31 2.80 -4.02 14.81
CA ILE B 31 2.14 -2.73 15.02
C ILE B 31 3.14 -1.67 15.48
N ALA B 32 2.92 -0.42 15.11
CA ALA B 32 3.91 0.62 15.32
C ALA B 32 3.99 0.90 16.80
N ASP B 33 2.87 0.73 17.49
CA ASP B 33 2.80 0.95 18.93
C ASP B 33 3.86 0.13 19.65
N ASP B 34 4.08 -1.10 19.20
CA ASP B 34 5.07 -1.96 19.84
C ASP B 34 6.50 -1.71 19.38
N ILE B 35 6.74 -0.65 18.61
CA ILE B 35 8.04 -0.52 17.96
C ILE B 35 8.68 0.86 18.00
N LEU B 36 7.89 1.91 18.23
CA LEU B 36 8.37 3.27 18.03
C LEU B 36 8.27 4.07 19.33
N PRO B 37 9.20 4.98 19.56
CA PRO B 37 9.10 5.82 20.75
C PRO B 37 7.71 6.40 20.87
N ASP B 38 7.20 6.47 22.10
CA ASP B 38 5.90 7.07 22.40
C ASP B 38 5.56 8.32 21.57
N GLN B 39 6.47 9.29 21.58
CA GLN B 39 6.21 10.62 21.04
C GLN B 39 5.98 10.60 19.54
N TYR B 40 6.22 9.45 18.92
CA TYR B 40 6.03 9.30 17.48
C TYR B 40 4.83 8.47 17.07
N VAL B 41 4.10 7.91 18.04
CA VAL B 41 2.96 7.04 17.75
C VAL B 41 1.68 7.72 18.22
N ARG B 42 0.86 8.18 17.27
CA ARG B 42 -0.39 8.88 17.60
C ARG B 42 -1.61 8.43 16.79
N LEU B 43 -2.76 8.43 17.44
CA LEU B 43 -3.99 7.99 16.81
C LEU B 43 -4.31 8.85 15.57
N GLY B 44 -4.73 8.19 14.49
CA GLY B 44 -4.90 8.85 13.20
C GLY B 44 -3.60 9.03 12.42
N ALA B 45 -2.49 8.68 13.07
CA ALA B 45 -1.17 8.72 12.45
C ALA B 45 -0.57 7.31 12.38
N LEU B 46 0.48 7.01 13.13
CA LEU B 46 1.05 5.67 13.11
C LEU B 46 0.30 4.66 13.98
N SER B 47 -0.34 5.13 15.04
CA SER B 47 -0.89 4.19 16.01
C SER B 47 -1.83 3.18 15.38
N ASN B 48 -1.66 1.92 15.79
CA ASN B 48 -2.45 0.82 15.26
C ASN B 48 -2.20 0.51 13.78
N LYS B 49 -1.07 0.96 13.24
CA LYS B 49 -0.67 0.52 11.90
C LYS B 49 0.41 -0.57 11.91
N ILE B 50 0.25 -1.55 11.03
CA ILE B 50 1.22 -2.63 10.89
C ILE B 50 2.37 -2.12 10.05
N LEU B 51 3.58 -2.24 10.60
CA LEU B 51 4.77 -1.87 9.84
C LEU B 51 5.49 -3.11 9.33
N GLN B 52 6.11 -2.98 8.17
CA GLN B 52 7.12 -3.92 7.74
C GLN B 52 8.52 -3.50 8.17
N THR B 53 9.19 -4.35 8.94
CA THR B 53 10.45 -3.91 9.48
C THR B 53 11.63 -4.68 8.92
N TYR B 54 12.71 -3.96 8.69
CA TYR B 54 13.97 -4.57 8.31
C TYR B 54 15.05 -4.21 9.31
N THR B 55 15.64 -5.25 9.88
CA THR B 55 16.74 -5.12 10.83
C THR B 55 17.98 -5.80 10.32
N TYR B 56 19.07 -5.04 10.22
CA TYR B 56 20.31 -5.55 9.65
C TYR B 56 21.24 -6.03 10.73
N TYR B 57 22.01 -7.07 10.41
CA TYR B 57 22.92 -7.71 11.35
C TYR B 57 24.05 -8.38 10.58
N SER B 58 25.17 -8.58 11.26
CA SER B 58 26.36 -9.26 10.79
C SER B 58 27.08 -9.67 12.08
N ASP B 59 28.25 -10.28 11.99
CA ASP B 59 28.99 -10.58 13.21
C ASP B 59 29.36 -9.33 14.01
N THR B 60 29.92 -8.32 13.34
CA THR B 60 30.37 -7.14 14.07
C THR B 60 29.23 -6.25 14.54
N LEU B 61 28.11 -6.25 13.84
CA LEU B 61 26.93 -5.59 14.39
C LEU B 61 26.48 -6.30 15.67
N HIS B 62 26.45 -7.63 15.66
CA HIS B 62 26.12 -8.37 16.87
C HIS B 62 27.07 -7.92 17.99
N GLU B 63 28.36 -7.92 17.69
CA GLU B 63 29.38 -7.71 18.70
C GLU B 63 29.26 -6.31 19.27
N SER B 64 28.79 -5.36 18.47
CA SER B 64 28.72 -3.98 18.92
C SER B 64 27.35 -3.63 19.46
N ASN B 65 26.43 -4.57 19.31
CA ASN B 65 25.02 -4.29 19.63
C ASN B 65 24.42 -3.10 18.90
N ILE B 66 24.78 -3.00 17.63
CA ILE B 66 24.22 -1.99 16.74
C ILE B 66 23.27 -2.70 15.79
N TYR B 67 22.04 -2.20 15.70
CA TYR B 67 21.07 -2.82 14.79
C TYR B 67 20.43 -1.74 13.93
N PRO B 68 20.93 -1.57 12.69
CA PRO B 68 20.31 -0.60 11.78
C PRO B 68 18.98 -1.17 11.29
N PHE B 69 18.06 -0.27 10.97
CA PHE B 69 16.74 -0.75 10.55
C PHE B 69 16.13 0.22 9.57
N ILE B 70 15.21 -0.29 8.76
CA ILE B 70 14.38 0.54 7.91
C ILE B 70 12.95 0.06 8.06
N LEU B 71 12.04 1.02 8.18
CA LEU B 71 10.65 0.70 8.45
C LEU B 71 9.75 1.12 7.28
N TYR B 72 8.75 0.31 6.95
CA TYR B 72 7.81 0.64 5.90
C TYR B 72 6.37 0.56 6.35
N TYR B 73 5.51 1.42 5.80
CA TYR B 73 4.09 1.20 5.91
C TYR B 73 3.55 0.95 4.52
N GLN B 74 3.09 -0.29 4.31
CA GLN B 74 2.85 -0.77 2.97
C GLN B 74 4.19 -0.64 2.26
N LYS B 75 4.23 0.24 1.26
CA LYS B 75 5.46 0.45 0.52
C LYS B 75 5.95 1.86 0.73
N GLN B 76 5.36 2.53 1.72
CA GLN B 76 5.79 3.86 2.12
C GLN B 76 6.91 3.81 3.18
N LEU B 77 8.04 4.42 2.83
CA LEU B 77 9.17 4.56 3.75
C LEU B 77 8.74 5.28 5.01
N ILE B 78 8.91 4.64 6.17
CA ILE B 78 8.49 5.25 7.44
C ILE B 78 9.69 5.69 8.31
N ALA B 79 10.82 5.00 8.22
CA ALA B 79 11.94 5.29 9.11
C ALA B 79 13.24 4.64 8.66
N ILE B 80 14.35 5.32 8.94
CA ILE B 80 15.68 4.75 8.73
C ILE B 80 16.40 5.13 9.99
N GLY B 81 17.19 4.21 10.55
CA GLY B 81 17.78 4.44 11.86
C GLY B 81 18.62 3.31 12.37
N TYR B 82 18.98 3.38 13.65
CA TYR B 82 19.64 2.25 14.31
C TYR B 82 19.33 2.16 15.79
N ILE B 83 19.31 0.94 16.30
CA ILE B 83 19.32 0.76 17.74
C ILE B 83 20.72 0.53 18.23
N ASP B 84 21.01 1.11 19.39
CA ASP B 84 22.37 1.06 19.94
C ASP B 84 22.58 0.19 21.17
N GLU B 85 23.83 0.24 21.64
CA GLU B 85 24.33 -0.59 22.72
C GLU B 85 23.44 -0.52 23.96
N ASN B 86 22.79 0.64 24.12
CA ASN B 86 21.93 0.96 25.27
C ASN B 86 20.44 0.77 24.98
N HIS B 87 20.13 0.37 23.75
CA HIS B 87 18.77 0.31 23.21
C HIS B 87 18.02 1.60 22.90
N ASP B 88 18.78 2.69 22.70
CA ASP B 88 18.18 3.91 22.18
C ASP B 88 18.06 3.80 20.67
N MET B 89 16.85 3.94 20.16
CA MET B 89 16.59 4.26 18.77
C MET B 89 17.06 5.67 18.39
N ASP B 90 17.77 5.75 17.28
CA ASP B 90 18.25 7.00 16.71
C ASP B 90 17.74 6.92 15.28
N PHE B 91 17.30 8.05 14.72
CA PHE B 91 16.63 8.07 13.42
C PHE B 91 17.33 9.01 12.48
N LEU B 92 17.48 8.60 11.22
CA LEU B 92 17.94 9.50 10.18
C LEU B 92 16.74 9.95 9.38
N TYR B 93 15.60 9.31 9.64
CA TYR B 93 14.36 9.59 8.91
C TYR B 93 13.19 9.03 9.71
N LEU B 94 12.11 9.80 9.75
CA LEU B 94 10.89 9.31 10.33
C LEU B 94 9.71 10.13 9.80
N HIS B 95 8.68 9.39 9.40
CA HIS B 95 7.55 9.96 8.71
C HIS B 95 6.34 9.27 9.32
N ASN B 96 5.31 10.02 9.64
CA ASN B 96 4.24 9.47 10.48
C ASN B 96 3.01 8.99 9.67
N THR B 97 3.21 8.76 8.38
CA THR B 97 2.14 8.52 7.38
C THR B 97 1.40 9.79 6.99
N ILE B 98 1.72 10.91 7.63
CA ILE B 98 1.17 12.17 7.13
C ILE B 98 2.25 13.03 6.51
N MET B 99 3.35 13.17 7.24
CA MET B 99 4.44 14.03 6.82
C MET B 99 5.71 13.63 7.56
N PRO B 100 6.87 14.05 7.02
CA PRO B 100 8.13 13.81 7.69
C PRO B 100 8.07 14.47 9.04
N LEU B 101 8.60 13.82 10.06
CA LEU B 101 8.81 14.45 11.35
C LEU B 101 10.30 14.72 11.52
N LEU B 102 11.13 13.91 10.88
CA LEU B 102 12.57 14.00 11.08
C LEU B 102 13.14 13.65 9.74
N ASP B 103 14.10 14.44 9.26
CA ASP B 103 14.76 14.18 8.00
C ASP B 103 16.23 14.57 8.07
N GLN B 104 17.10 13.57 8.22
CA GLN B 104 18.54 13.75 8.19
C GLN B 104 19.18 12.80 7.20
N ARG B 105 18.43 12.47 6.16
CA ARG B 105 18.90 11.59 5.10
C ARG B 105 20.15 12.11 4.40
N TYR B 106 20.38 13.40 4.50
CA TYR B 106 21.57 13.95 3.87
C TYR B 106 22.84 13.35 4.48
N LEU B 107 22.77 12.83 5.70
CA LEU B 107 23.96 12.20 6.26
C LEU B 107 24.37 10.95 5.48
N LEU B 108 23.43 10.39 4.73
CA LEU B 108 23.69 9.21 3.91
C LEU B 108 24.45 9.55 2.62
N THR B 109 25.09 10.72 2.59
CA THR B 109 26.19 10.99 1.66
C THR B 109 27.12 12.08 2.19
N MET C 1 -19.25 29.07 8.03
CA MET C 1 -18.15 28.53 7.19
C MET C 1 -17.70 29.60 6.18
N GLU C 2 -16.45 30.02 6.29
CA GLU C 2 -15.87 31.04 5.40
C GLU C 2 -15.77 30.65 3.91
N PHE C 3 -16.24 31.56 3.05
CA PHE C 3 -16.13 31.45 1.58
C PHE C 3 -17.07 30.39 1.00
N PHE C 4 -18.10 30.05 1.77
CA PHE C 4 -19.00 28.94 1.44
C PHE C 4 -20.37 29.54 1.14
N GLY C 5 -20.84 29.39 -0.10
CA GLY C 5 -22.09 30.01 -0.51
C GLY C 5 -23.17 29.78 0.52
N GLU C 6 -24.02 30.80 0.72
CA GLU C 6 -25.01 30.73 1.79
C GLU C 6 -26.16 29.74 1.53
N SER C 7 -26.69 29.72 0.32
CA SER C 7 -27.78 28.79 0.00
C SER C 7 -27.35 27.34 0.24
N TRP C 8 -26.05 27.08 0.08
CA TRP C 8 -25.52 25.74 0.30
C TRP C 8 -25.30 25.57 1.80
N LYS C 9 -24.66 26.56 2.40
CA LYS C 9 -24.45 26.57 3.84
C LYS C 9 -25.73 26.17 4.56
N LYS C 10 -26.83 26.76 4.09
CA LYS C 10 -28.15 26.60 4.71
C LYS C 10 -28.44 25.14 4.98
N HIS C 11 -28.21 24.32 3.97
CA HIS C 11 -28.69 22.94 3.93
C HIS C 11 -27.63 21.94 4.36
N LEU C 12 -26.37 22.34 4.29
CA LEU C 12 -25.27 21.42 4.47
C LEU C 12 -24.52 21.64 5.79
N SER C 13 -24.89 22.68 6.51
CA SER C 13 -24.23 23.02 7.77
C SER C 13 -24.32 21.94 8.86
N GLY C 14 -25.25 20.99 8.72
CA GLY C 14 -25.28 19.81 9.58
C GLY C 14 -23.95 19.06 9.73
N GLU C 15 -23.08 19.16 8.73
CA GLU C 15 -21.84 18.41 8.74
C GLU C 15 -20.76 19.11 9.53
N PHE C 16 -20.86 20.43 9.65
CA PHE C 16 -19.70 21.19 10.11
C PHE C 16 -19.39 20.76 11.54
N GLY C 17 -20.42 20.25 12.22
CA GLY C 17 -20.31 19.87 13.62
C GLY C 17 -20.02 18.40 13.90
N LYS C 18 -20.20 17.53 12.91
CA LYS C 18 -19.81 16.13 13.08
C LYS C 18 -18.31 16.00 13.31
N PRO C 19 -17.90 14.98 14.07
CA PRO C 19 -16.49 14.90 14.45
C PRO C 19 -15.53 14.77 13.27
N TYR C 20 -15.89 14.04 12.22
CA TYR C 20 -14.98 13.86 11.08
C TYR C 20 -14.71 15.18 10.37
N PHE C 21 -15.72 16.04 10.31
CA PHE C 21 -15.57 17.33 9.66
C PHE C 21 -14.72 18.27 10.50
N ILE C 22 -14.97 18.27 11.80
CA ILE C 22 -14.07 18.98 12.70
C ILE C 22 -12.61 18.53 12.50
N LYS C 23 -12.34 17.24 12.41
CA LYS C 23 -10.96 16.79 12.27
C LYS C 23 -10.41 17.16 10.88
N LEU C 24 -11.28 17.06 9.87
CA LEU C 24 -10.92 17.41 8.51
C LEU C 24 -10.38 18.83 8.46
N MET C 25 -11.13 19.73 9.09
CA MET C 25 -10.77 21.14 9.13
C MET C 25 -9.45 21.38 9.87
N GLY C 26 -9.26 20.67 10.97
CA GLY C 26 -8.02 20.78 11.72
C GLY C 26 -6.87 20.34 10.84
N PHE C 27 -7.13 19.30 10.05
CA PHE C 27 -6.05 18.66 9.34
C PHE C 27 -5.60 19.61 8.23
N VAL C 28 -6.59 20.23 7.59
CA VAL C 28 -6.29 21.12 6.48
C VAL C 28 -5.59 22.37 6.98
N ALA C 29 -6.11 22.95 8.08
CA ALA C 29 -5.43 24.04 8.76
C ALA C 29 -3.99 23.75 9.17
N GLU C 30 -3.75 22.59 9.76
CA GLU C 30 -2.37 22.19 10.02
C GLU C 30 -1.57 22.09 8.73
N GLU C 31 -2.20 21.52 7.71
CA GLU C 31 -1.53 21.27 6.45
C GLU C 31 -1.06 22.60 5.87
N ARG C 32 -1.90 23.63 6.03
CA ARG C 32 -1.60 24.97 5.48
C ARG C 32 -0.45 25.66 6.18
N LYS C 33 -0.11 25.20 7.39
CA LYS C 33 1.07 25.69 8.10
C LYS C 33 2.36 25.16 7.53
N HIS C 34 2.36 23.94 7.01
CA HIS C 34 3.59 23.28 6.55
C HIS C 34 3.70 23.19 5.04
N TYR C 35 2.58 23.38 4.36
CA TYR C 35 2.53 23.20 2.90
C TYR C 35 1.64 24.24 2.22
N THR C 36 1.97 24.62 0.99
CA THR C 36 0.99 25.21 0.07
C THR C 36 -0.05 24.13 -0.21
N VAL C 37 -1.31 24.43 0.09
CA VAL C 37 -2.43 23.56 -0.24
C VAL C 37 -3.30 24.23 -1.32
N TYR C 38 -3.70 23.47 -2.33
CA TYR C 38 -4.62 23.96 -3.32
C TYR C 38 -6.01 23.35 -3.17
N PRO C 39 -7.07 24.10 -3.55
CA PRO C 39 -7.09 25.50 -3.95
C PRO C 39 -6.76 26.38 -2.74
N PRO C 40 -6.36 27.65 -2.96
CA PRO C 40 -6.25 28.54 -1.80
C PRO C 40 -7.63 28.60 -1.14
N PRO C 41 -7.73 29.07 0.13
CA PRO C 41 -8.98 28.87 0.88
C PRO C 41 -10.20 29.50 0.24
N HIS C 42 -10.07 30.63 -0.43
CA HIS C 42 -11.29 31.29 -0.87
C HIS C 42 -11.80 30.58 -2.10
N GLN C 43 -11.03 29.60 -2.58
CA GLN C 43 -11.51 28.84 -3.73
C GLN C 43 -11.88 27.37 -3.46
N VAL C 44 -11.79 26.91 -2.21
CA VAL C 44 -12.10 25.52 -1.89
C VAL C 44 -13.58 25.21 -2.21
N PHE C 45 -14.45 26.21 -2.06
CA PHE C 45 -15.88 26.01 -2.26
C PHE C 45 -16.47 26.83 -3.42
N THR C 46 -15.66 27.09 -4.45
CA THR C 46 -16.13 27.84 -5.61
C THR C 46 -17.42 27.27 -6.15
N TRP C 47 -17.60 25.96 -5.97
CA TRP C 47 -18.81 25.29 -6.46
C TRP C 47 -20.07 25.65 -5.67
N THR C 48 -19.89 26.25 -4.50
CA THR C 48 -21.05 26.74 -3.73
C THR C 48 -21.38 28.20 -4.08
N GLN C 49 -20.62 28.80 -4.98
CA GLN C 49 -20.70 30.22 -5.22
C GLN C 49 -21.13 30.60 -6.63
N MET C 50 -20.95 29.70 -7.59
CA MET C 50 -21.30 29.99 -8.97
C MET C 50 -22.79 29.90 -9.21
N CYS C 51 -23.52 29.15 -8.38
CA CYS C 51 -24.96 29.04 -8.54
C CYS C 51 -25.66 28.64 -7.24
N ASP C 52 -26.92 29.03 -7.09
CA ASP C 52 -27.69 28.62 -5.92
C ASP C 52 -27.85 27.10 -5.92
N ILE C 53 -27.93 26.48 -4.75
CA ILE C 53 -28.05 25.03 -4.67
C ILE C 53 -29.30 24.47 -5.35
N LYS C 54 -30.31 25.32 -5.50
CA LYS C 54 -31.56 24.94 -6.15
C LYS C 54 -31.46 25.07 -7.66
N ASP C 55 -30.50 25.84 -8.16
CA ASP C 55 -30.31 25.96 -9.61
C ASP C 55 -29.56 24.75 -10.19
N VAL C 56 -29.24 23.75 -9.36
CA VAL C 56 -28.39 22.65 -9.80
C VAL C 56 -29.15 21.66 -10.68
N LYS C 57 -28.69 21.46 -11.91
CA LYS C 57 -29.37 20.56 -12.83
C LYS C 57 -28.50 19.37 -13.24
N VAL C 58 -27.19 19.59 -13.31
CA VAL C 58 -26.27 18.57 -13.82
C VAL C 58 -25.16 18.45 -12.78
N VAL C 59 -24.72 17.21 -12.52
CA VAL C 59 -23.70 16.96 -11.50
C VAL C 59 -22.65 16.12 -12.18
N ILE C 60 -21.39 16.53 -12.04
CA ILE C 60 -20.28 15.79 -12.57
C ILE C 60 -19.30 15.51 -11.45
N LEU C 61 -19.06 14.23 -11.18
CA LEU C 61 -18.29 13.85 -10.02
C LEU C 61 -16.83 13.71 -10.43
N GLY C 62 -15.96 14.49 -9.78
CA GLY C 62 -14.51 14.35 -10.00
C GLY C 62 -13.75 13.73 -8.85
N GLN C 63 -12.43 13.78 -8.92
CA GLN C 63 -11.61 13.10 -7.95
C GLN C 63 -10.94 14.11 -7.00
N ASP C 64 -9.67 14.41 -7.16
CA ASP C 64 -9.14 15.51 -6.36
C ASP C 64 -8.67 16.68 -7.20
N PRO C 65 -8.32 17.80 -6.54
CA PRO C 65 -7.97 18.96 -7.33
C PRO C 65 -6.62 18.82 -7.96
N TYR C 66 -6.43 19.48 -9.10
CA TYR C 66 -5.13 19.64 -9.68
C TYR C 66 -4.23 20.23 -8.64
N HIS C 67 -2.98 19.77 -8.65
CA HIS C 67 -2.08 19.97 -7.53
C HIS C 67 -0.86 20.84 -7.87
N GLY C 68 -0.87 21.51 -9.02
CA GLY C 68 0.13 22.56 -9.30
C GLY C 68 -0.42 23.98 -9.15
N PRO C 69 0.49 24.97 -9.12
CA PRO C 69 0.19 26.40 -8.95
C PRO C 69 -0.78 27.00 -9.96
N ASN C 70 -1.73 27.80 -9.50
CA ASN C 70 -2.65 28.42 -10.45
C ASN C 70 -3.50 27.43 -11.24
N GLN C 71 -3.57 26.16 -10.86
CA GLN C 71 -4.47 25.23 -11.56
C GLN C 71 -5.83 25.18 -10.91
N ALA C 72 -5.96 24.45 -9.79
CA ALA C 72 -7.28 24.25 -9.16
C ALA C 72 -7.90 25.55 -8.71
N HIS C 73 -9.21 25.66 -8.89
CA HIS C 73 -9.95 26.79 -8.35
C HIS C 73 -11.33 26.42 -7.86
N GLY C 74 -11.57 25.16 -7.52
CA GLY C 74 -12.81 24.82 -6.85
C GLY C 74 -13.84 24.13 -7.71
N LEU C 75 -13.45 23.78 -8.94
CA LEU C 75 -14.35 23.12 -9.88
C LEU C 75 -13.67 21.93 -10.53
N CYS C 76 -14.30 20.76 -10.43
CA CYS C 76 -13.68 19.59 -11.01
C CYS C 76 -13.47 19.73 -12.54
N PHE C 77 -12.38 19.18 -13.05
CA PHE C 77 -11.99 19.34 -14.45
C PHE C 77 -11.60 20.76 -14.91
N SER C 78 -11.65 21.74 -14.02
CA SER C 78 -11.47 23.13 -14.43
C SER C 78 -10.14 23.71 -13.96
N VAL C 79 -9.44 24.41 -14.85
CA VAL C 79 -8.22 25.13 -14.50
C VAL C 79 -8.33 26.61 -14.85
N GLN C 80 -7.64 27.46 -14.10
CA GLN C 80 -7.76 28.91 -14.25
C GLN C 80 -6.99 29.26 -15.51
N ARG C 81 -7.38 30.32 -16.21
CA ARG C 81 -6.53 30.81 -17.28
C ARG C 81 -5.22 31.34 -16.71
N PRO C 82 -4.10 31.19 -17.44
CA PRO C 82 -3.83 30.81 -18.80
C PRO C 82 -3.30 29.38 -18.85
N VAL C 83 -3.51 28.66 -17.75
CA VAL C 83 -3.00 27.30 -17.59
C VAL C 83 -3.69 26.46 -18.65
N PRO C 84 -2.91 25.61 -19.35
CA PRO C 84 -3.53 24.80 -20.39
C PRO C 84 -4.59 23.88 -19.78
N PRO C 85 -5.63 23.57 -20.58
CA PRO C 85 -6.55 22.53 -20.15
C PRO C 85 -5.83 21.21 -19.96
N PRO C 86 -6.18 20.47 -18.90
CA PRO C 86 -5.63 19.14 -18.66
C PRO C 86 -6.12 18.16 -19.74
N PRO C 87 -5.42 17.01 -19.90
CA PRO C 87 -5.69 16.01 -20.92
C PRO C 87 -7.13 15.53 -20.85
N SER C 88 -7.71 15.50 -19.65
CA SER C 88 -9.09 15.05 -19.52
C SER C 88 -9.98 16.07 -20.19
N LEU C 89 -9.63 17.34 -20.01
CA LEU C 89 -10.51 18.41 -20.45
C LEU C 89 -10.39 18.63 -21.94
N GLU C 90 -9.17 18.42 -22.48
CA GLU C 90 -9.00 18.31 -23.92
C GLU C 90 -9.93 17.26 -24.52
N ASN C 91 -10.03 16.11 -23.85
CA ASN C 91 -10.91 15.06 -24.35
C ASN C 91 -12.38 15.37 -24.20
N ILE C 92 -12.74 16.00 -23.10
CA ILE C 92 -14.10 16.50 -22.95
C ILE C 92 -14.44 17.47 -24.08
N TYR C 93 -13.50 18.36 -24.41
CA TYR C 93 -13.67 19.26 -25.54
C TYR C 93 -13.80 18.53 -26.88
N LYS C 94 -13.10 17.42 -27.04
CA LYS C 94 -13.16 16.71 -28.32
C LYS C 94 -14.57 16.15 -28.48
N GLU C 95 -15.01 15.41 -27.47
CA GLU C 95 -16.33 14.79 -27.52
C GLU C 95 -17.36 15.87 -27.74
N LEU C 96 -17.19 17.04 -27.14
CA LEU C 96 -18.20 18.07 -27.28
C LEU C 96 -18.31 18.50 -28.75
N SER C 97 -17.17 18.62 -29.41
CA SER C 97 -17.14 19.25 -30.71
C SER C 97 -17.78 18.34 -31.75
N THR C 98 -17.88 17.06 -31.44
CA THR C 98 -18.64 16.15 -32.28
C THR C 98 -20.08 16.02 -31.77
N ASP C 99 -20.27 16.29 -30.49
CA ASP C 99 -21.54 15.95 -29.83
C ASP C 99 -22.50 17.13 -29.92
N ILE C 100 -21.94 18.33 -29.96
CA ILE C 100 -22.71 19.52 -29.76
C ILE C 100 -22.38 20.41 -30.94
N GLU C 101 -23.42 20.75 -31.70
CA GLU C 101 -23.24 21.53 -32.92
C GLU C 101 -22.46 22.83 -32.71
N ASP C 102 -21.42 22.99 -33.50
CA ASP C 102 -20.61 24.20 -33.52
C ASP C 102 -19.77 24.42 -32.25
N PHE C 103 -19.57 23.37 -31.44
CA PHE C 103 -18.70 23.55 -30.29
C PHE C 103 -17.29 23.70 -30.79
N VAL C 104 -16.70 24.83 -30.45
CA VAL C 104 -15.29 25.09 -30.70
C VAL C 104 -14.54 24.92 -29.38
N HIS C 105 -13.33 24.39 -29.47
CA HIS C 105 -12.41 24.48 -28.36
C HIS C 105 -12.25 25.95 -27.99
N PRO C 106 -12.54 26.30 -26.73
CA PRO C 106 -12.61 27.70 -26.33
C PRO C 106 -11.24 28.32 -26.05
N GLY C 107 -10.16 27.55 -26.19
CA GLY C 107 -8.82 28.07 -25.91
C GLY C 107 -8.37 28.19 -24.45
N HIS C 108 -9.14 27.62 -23.54
CA HIS C 108 -8.91 27.73 -22.13
C HIS C 108 -9.66 26.63 -21.41
N GLY C 109 -9.47 26.54 -20.10
CA GLY C 109 -10.00 25.42 -19.35
C GLY C 109 -10.79 25.86 -18.14
N ASP C 110 -11.34 27.07 -18.17
CA ASP C 110 -12.19 27.59 -17.08
C ASP C 110 -13.65 27.27 -17.35
N LEU C 111 -14.25 26.49 -16.47
CA LEU C 111 -15.58 25.92 -16.66
C LEU C 111 -16.65 26.69 -15.91
N SER C 112 -16.27 27.84 -15.35
CA SER C 112 -17.22 28.72 -14.67
C SER C 112 -18.55 28.90 -15.40
N GLY C 113 -18.47 29.05 -16.73
CA GLY C 113 -19.67 29.30 -17.54
C GLY C 113 -20.68 28.17 -17.40
N TRP C 114 -20.18 26.97 -17.11
CA TRP C 114 -21.06 25.82 -16.90
C TRP C 114 -21.61 25.86 -15.50
N ALA C 115 -20.76 26.24 -14.55
CA ALA C 115 -21.17 26.23 -13.15
C ALA C 115 -22.35 27.19 -12.97
N LYS C 116 -22.25 28.36 -13.59
CA LYS C 116 -23.25 29.43 -13.47
C LYS C 116 -24.63 28.95 -13.89
N GLN C 117 -24.66 27.99 -14.82
CA GLN C 117 -25.89 27.50 -15.37
C GLN C 117 -26.41 26.32 -14.54
N GLY C 118 -25.73 26.00 -13.45
CA GLY C 118 -26.19 24.91 -12.59
C GLY C 118 -25.70 23.53 -12.97
N VAL C 119 -24.57 23.49 -13.66
CA VAL C 119 -23.74 22.28 -13.69
C VAL C 119 -22.80 22.16 -12.49
N LEU C 120 -23.09 21.25 -11.57
CA LEU C 120 -22.26 21.12 -10.39
C LEU C 120 -21.03 20.31 -10.72
N LEU C 121 -19.87 20.94 -10.61
CA LEU C 121 -18.59 20.32 -10.87
C LEU C 121 -17.87 19.96 -9.56
N LEU C 122 -18.12 18.75 -9.06
CA LEU C 122 -17.85 18.43 -7.65
C LEU C 122 -16.77 17.38 -7.52
N ASN C 123 -15.61 17.79 -7.02
CA ASN C 123 -14.49 16.87 -6.79
C ASN C 123 -14.84 16.09 -5.54
N ALA C 124 -14.34 14.87 -5.40
CA ALA C 124 -14.75 14.11 -4.23
C ALA C 124 -13.89 14.59 -3.06
N VAL C 125 -12.65 14.98 -3.40
CA VAL C 125 -11.69 15.49 -2.44
C VAL C 125 -11.43 16.94 -2.83
N LEU C 126 -11.59 17.84 -1.86
CA LEU C 126 -11.61 19.28 -2.09
C LEU C 126 -10.28 20.00 -1.84
N THR C 127 -9.27 19.32 -1.32
CA THR C 127 -7.95 19.95 -1.22
C THR C 127 -6.84 18.97 -1.55
N VAL C 128 -5.63 19.51 -1.70
CA VAL C 128 -4.53 18.67 -1.98
C VAL C 128 -3.26 19.48 -1.67
N ARG C 129 -2.22 18.79 -1.22
CA ARG C 129 -0.88 19.38 -1.08
C ARG C 129 -0.27 19.70 -2.44
N ALA C 130 0.20 20.93 -2.61
CA ALA C 130 0.95 21.28 -3.81
C ALA C 130 1.95 20.17 -4.15
N HIS C 131 1.99 19.78 -5.42
CA HIS C 131 2.96 18.81 -5.92
C HIS C 131 2.78 17.36 -5.44
N GLN C 132 1.70 17.07 -4.72
CA GLN C 132 1.54 15.70 -4.19
C GLN C 132 0.13 15.18 -4.44
N ALA C 133 -0.07 14.61 -5.61
CA ALA C 133 -1.38 14.08 -5.99
C ALA C 133 -1.87 13.16 -4.87
N ASN C 134 -3.17 13.22 -4.59
CA ASN C 134 -3.88 12.36 -3.60
C ASN C 134 -3.54 12.53 -2.12
N SER C 135 -2.71 13.51 -1.81
CA SER C 135 -2.19 13.69 -0.46
C SER C 135 -3.28 13.93 0.60
N HIS C 136 -4.45 14.45 0.19
CA HIS C 136 -5.57 14.59 1.10
C HIS C 136 -6.68 13.55 0.95
N LYS C 137 -6.34 12.40 0.41
CA LYS C 137 -7.31 11.32 0.19
C LYS C 137 -7.67 10.77 1.57
N GLU C 138 -8.95 10.42 1.77
CA GLU C 138 -9.36 9.66 2.97
C GLU C 138 -9.07 10.39 4.30
N ARG C 139 -9.33 11.70 4.30
CA ARG C 139 -9.14 12.50 5.50
C ARG C 139 -10.40 13.24 5.89
N GLY C 140 -11.50 12.93 5.20
CA GLY C 140 -12.79 13.49 5.53
C GLY C 140 -13.54 14.06 4.33
N TRP C 141 -12.84 14.35 3.24
CA TRP C 141 -13.56 15.01 2.14
C TRP C 141 -14.61 14.09 1.53
N GLU C 142 -14.27 12.82 1.29
CA GLU C 142 -15.20 11.88 0.66
C GLU C 142 -16.55 11.81 1.40
N GLN C 143 -16.51 11.81 2.72
CA GLN C 143 -17.75 11.76 3.49
C GLN C 143 -18.49 13.07 3.32
N PHE C 144 -17.76 14.17 3.24
CA PHE C 144 -18.42 15.46 3.05
C PHE C 144 -19.04 15.57 1.66
N THR C 145 -18.34 15.08 0.66
CA THR C 145 -18.95 15.19 -0.66
C THR C 145 -19.98 14.11 -0.93
N ASP C 146 -19.81 12.94 -0.31
CA ASP C 146 -20.89 11.97 -0.21
C ASP C 146 -22.16 12.62 0.31
N ALA C 147 -22.03 13.44 1.35
CA ALA C 147 -23.19 14.08 1.92
C ALA C 147 -23.87 15.02 0.93
N VAL C 148 -23.08 15.78 0.18
CA VAL C 148 -23.60 16.70 -0.82
C VAL C 148 -24.38 15.93 -1.88
N VAL C 149 -23.79 14.85 -2.36
CA VAL C 149 -24.47 14.03 -3.34
C VAL C 149 -25.80 13.49 -2.74
N SER C 150 -25.78 13.09 -1.48
CA SER C 150 -26.97 12.54 -0.85
C SER C 150 -28.04 13.60 -0.73
N TRP C 151 -27.62 14.77 -0.29
CA TRP C 151 -28.56 15.85 -0.12
C TRP C 151 -29.28 16.06 -1.44
N LEU C 152 -28.50 16.14 -2.51
CA LEU C 152 -29.01 16.35 -3.86
C LEU C 152 -29.87 15.19 -4.34
N ASN C 153 -29.50 13.97 -3.96
CA ASN C 153 -30.32 12.78 -4.23
C ASN C 153 -31.72 12.92 -3.64
N GLN C 154 -31.77 13.34 -2.38
CA GLN C 154 -32.99 13.29 -1.62
C GLN C 154 -33.85 14.53 -1.75
N ASN C 155 -33.25 15.62 -2.23
CA ASN C 155 -33.92 16.92 -2.16
C ASN C 155 -34.23 17.54 -3.51
N SER C 156 -34.17 16.75 -4.58
CA SER C 156 -34.37 17.25 -5.95
C SER C 156 -34.95 16.12 -6.79
N ASN C 157 -35.39 16.44 -8.00
CA ASN C 157 -35.79 15.37 -8.90
C ASN C 157 -35.37 15.67 -10.33
N GLY C 158 -35.10 14.61 -11.08
CA GLY C 158 -34.64 14.73 -12.47
C GLY C 158 -33.30 15.39 -12.71
N LEU C 159 -32.38 15.28 -11.76
CA LEU C 159 -31.00 15.74 -12.02
C LEU C 159 -30.39 14.83 -13.06
N VAL C 160 -29.44 15.34 -13.83
CA VAL C 160 -28.57 14.46 -14.62
C VAL C 160 -27.17 14.36 -14.00
N PHE C 161 -26.78 13.15 -13.61
CA PHE C 161 -25.45 12.87 -13.07
C PHE C 161 -24.58 12.26 -14.14
N LEU C 162 -23.40 12.84 -14.36
CA LEU C 162 -22.46 12.27 -15.30
C LEU C 162 -21.31 11.54 -14.60
N LEU C 163 -21.29 10.21 -14.68
CA LEU C 163 -20.37 9.42 -13.86
C LEU C 163 -19.28 8.83 -14.75
N TRP C 164 -18.12 9.49 -14.77
CA TRP C 164 -17.07 9.03 -15.66
C TRP C 164 -15.97 8.27 -14.90
N GLY C 165 -15.79 7.01 -15.23
CA GLY C 165 -14.78 6.21 -14.57
C GLY C 165 -15.43 5.50 -13.40
N SER C 166 -14.79 4.41 -13.00
CA SER C 166 -15.33 3.54 -11.98
C SER C 166 -15.36 4.17 -10.58
N TYR C 167 -14.37 5.01 -10.27
CA TYR C 167 -14.43 5.79 -9.04
C TYR C 167 -15.72 6.58 -8.94
N ALA C 168 -15.98 7.39 -9.98
CA ALA C 168 -17.05 8.37 -9.89
C ALA C 168 -18.33 7.56 -9.86
N GLN C 169 -18.28 6.37 -10.46
CA GLN C 169 -19.41 5.45 -10.49
C GLN C 169 -19.71 4.81 -9.12
N LYS C 170 -18.69 4.43 -8.36
CA LYS C 170 -18.96 3.91 -7.03
C LYS C 170 -19.58 5.01 -6.18
N LYS C 171 -19.11 6.24 -6.36
CA LYS C 171 -19.65 7.37 -5.62
C LYS C 171 -21.11 7.58 -5.97
N GLY C 172 -21.51 7.24 -7.19
CA GLY C 172 -22.87 7.54 -7.64
C GLY C 172 -23.79 6.34 -7.52
N SER C 173 -23.31 5.29 -6.87
CA SER C 173 -23.90 3.99 -7.04
C SER C 173 -25.14 3.88 -6.17
N ALA C 174 -25.51 4.98 -5.50
CA ALA C 174 -26.66 5.03 -4.60
C ALA C 174 -27.67 6.09 -5.00
N ILE C 175 -27.40 6.77 -6.12
CA ILE C 175 -28.36 7.70 -6.68
C ILE C 175 -29.61 6.93 -7.10
N ASP C 176 -30.78 7.43 -6.69
CA ASP C 176 -32.05 6.78 -6.98
C ASP C 176 -32.31 6.87 -8.48
N ARG C 177 -32.26 5.74 -9.18
CA ARG C 177 -32.42 5.83 -10.62
C ARG C 177 -33.89 6.00 -11.02
N LYS C 178 -34.78 6.06 -10.04
CA LYS C 178 -36.19 6.29 -10.36
C LYS C 178 -36.44 7.78 -10.59
N ARG C 179 -35.77 8.62 -9.80
CA ARG C 179 -36.08 10.04 -9.83
C ARG C 179 -34.98 10.86 -10.50
N HIS C 180 -33.83 10.24 -10.73
CA HIS C 180 -32.72 10.94 -11.35
C HIS C 180 -32.16 10.21 -12.56
N HIS C 181 -31.64 10.97 -13.52
CA HIS C 181 -30.87 10.40 -14.61
C HIS C 181 -29.40 10.25 -14.23
N VAL C 182 -28.84 9.10 -14.59
CA VAL C 182 -27.44 8.79 -14.40
C VAL C 182 -26.92 8.25 -15.73
N LEU C 183 -25.96 8.95 -16.33
CA LEU C 183 -25.27 8.43 -17.51
C LEU C 183 -23.81 8.09 -17.16
N GLN C 184 -23.34 6.94 -17.64
CA GLN C 184 -22.07 6.38 -17.19
C GLN C 184 -21.22 6.02 -18.39
N THR C 185 -19.93 6.33 -18.33
CA THR C 185 -18.99 5.79 -19.31
C THR C 185 -17.57 5.86 -18.77
N ALA C 186 -16.58 5.54 -19.60
CA ALA C 186 -15.17 5.58 -19.22
C ALA C 186 -14.76 6.98 -18.79
N HIS C 187 -13.72 7.09 -17.98
CA HIS C 187 -13.09 8.35 -17.69
C HIS C 187 -12.45 8.96 -18.94
N PRO C 188 -12.58 10.29 -19.11
CA PRO C 188 -12.04 10.96 -20.31
C PRO C 188 -10.51 11.06 -20.31
N SER C 189 -9.85 10.52 -19.30
CA SER C 189 -8.42 10.59 -19.26
C SER C 189 -7.94 9.93 -20.56
N PRO C 190 -6.85 10.42 -21.12
CA PRO C 190 -6.31 9.76 -22.32
C PRO C 190 -6.17 8.25 -22.05
N LEU C 191 -5.97 7.84 -20.80
CA LEU C 191 -5.58 6.46 -20.52
C LEU C 191 -6.81 5.56 -20.64
N SER C 192 -7.99 6.15 -20.65
CA SER C 192 -9.19 5.34 -20.67
C SER C 192 -10.26 5.85 -21.66
N VAL C 193 -10.04 7.02 -22.25
CA VAL C 193 -11.04 7.71 -23.09
C VAL C 193 -11.55 6.90 -24.27
N TYR C 194 -10.67 6.09 -24.85
CA TYR C 194 -11.07 5.17 -25.89
C TYR C 194 -11.88 3.97 -25.40
N ARG C 195 -12.20 3.88 -24.11
CA ARG C 195 -12.99 2.73 -23.67
C ARG C 195 -14.45 3.05 -23.39
N GLY C 196 -14.99 4.09 -24.00
CA GLY C 196 -16.36 4.53 -23.69
C GLY C 196 -16.62 6.02 -23.87
N PHE C 197 -15.63 6.83 -23.50
CA PHE C 197 -15.88 8.26 -23.42
C PHE C 197 -16.07 8.87 -24.79
N PHE C 198 -15.15 8.64 -25.71
CA PHE C 198 -15.37 9.07 -27.08
C PHE C 198 -16.58 8.36 -27.67
N GLY C 199 -17.53 9.15 -28.16
CA GLY C 199 -18.81 8.66 -28.62
C GLY C 199 -19.90 8.43 -27.55
N CYS C 200 -19.67 8.85 -26.31
CA CYS C 200 -20.74 8.71 -25.32
C CYS C 200 -21.87 9.71 -25.47
N ARG C 201 -21.61 10.82 -26.16
CA ARG C 201 -22.61 11.85 -26.43
C ARG C 201 -23.39 12.32 -25.20
N HIS C 202 -22.71 12.48 -24.08
CA HIS C 202 -23.36 12.73 -22.79
C HIS C 202 -23.95 14.13 -22.70
N PHE C 203 -23.39 15.04 -23.47
CA PHE C 203 -23.74 16.43 -23.38
C PHE C 203 -25.06 16.75 -24.08
N SER C 204 -25.26 16.12 -25.24
CA SER C 204 -26.56 16.17 -25.92
C SER C 204 -27.58 15.32 -25.16
N LYS C 205 -27.16 14.15 -24.68
CA LYS C 205 -28.10 13.34 -23.94
C LYS C 205 -28.59 14.09 -22.71
N THR C 206 -27.64 14.77 -22.06
CA THR C 206 -27.99 15.58 -20.89
C THR C 206 -29.07 16.61 -21.23
N ASN C 207 -28.95 17.22 -22.41
CA ASN C 207 -29.87 18.28 -22.81
C ASN C 207 -31.22 17.67 -23.18
N GLU C 208 -31.20 16.50 -23.81
CA GLU C 208 -32.46 15.83 -24.12
C GLU C 208 -33.16 15.37 -22.84
N LEU C 209 -32.42 14.77 -21.92
CA LEU C 209 -32.98 14.42 -20.62
C LEU C 209 -33.42 15.59 -19.74
N LEU C 210 -32.81 16.76 -19.94
CA LEU C 210 -33.24 17.99 -19.27
C LEU C 210 -34.53 18.54 -19.87
N GLN C 211 -34.49 18.91 -21.15
CA GLN C 211 -35.65 19.26 -21.97
C GLN C 211 -36.84 18.37 -21.63
N LYS C 212 -36.61 17.06 -21.70
CA LYS C 212 -37.58 16.07 -21.26
C LYS C 212 -38.13 16.32 -19.85
N SER C 213 -37.26 16.60 -18.90
CA SER C 213 -37.64 16.79 -17.51
C SER C 213 -38.23 18.16 -17.18
N GLY C 214 -38.66 18.90 -18.20
CA GLY C 214 -39.22 20.23 -18.00
C GLY C 214 -38.24 21.27 -17.49
N LYS C 215 -36.96 21.10 -17.79
CA LYS C 215 -35.94 22.11 -17.47
C LYS C 215 -35.18 22.64 -18.68
N LYS C 216 -34.59 23.81 -18.54
CA LYS C 216 -33.81 24.45 -19.61
C LYS C 216 -32.44 23.76 -19.82
N PRO C 217 -32.06 23.53 -21.09
CA PRO C 217 -30.82 22.83 -21.43
C PRO C 217 -29.57 23.60 -21.00
N ILE C 218 -28.42 22.93 -20.98
CA ILE C 218 -27.14 23.59 -20.74
C ILE C 218 -26.64 24.18 -22.05
N ASP C 219 -26.32 25.47 -22.04
CA ASP C 219 -25.47 25.98 -23.11
C ASP C 219 -24.03 25.53 -22.88
N TRP C 220 -23.63 24.45 -23.55
CA TRP C 220 -22.22 23.99 -23.44
C TRP C 220 -21.22 24.96 -24.06
N LYS C 221 -21.70 25.81 -24.96
CA LYS C 221 -20.82 26.80 -25.57
C LYS C 221 -20.62 28.04 -24.70
N GLU C 222 -21.44 28.21 -23.66
CA GLU C 222 -21.38 29.44 -22.88
C GLU C 222 -20.11 29.50 -22.06
N LEU C 223 -19.03 28.94 -22.61
CA LEU C 223 -17.66 29.21 -22.14
C LEU C 223 -17.04 30.30 -23.00
N LEU C 224 -17.25 30.20 -24.32
CA LEU C 224 -16.54 31.01 -25.31
C LEU C 224 -17.21 32.36 -25.60
N MET D 1 18.06 12.73 -9.05
CA MET D 1 17.07 13.10 -10.11
C MET D 1 15.85 12.19 -10.04
N THR D 2 14.67 12.79 -9.85
CA THR D 2 13.40 12.07 -9.77
C THR D 2 13.08 11.29 -11.04
N LEU D 3 12.28 10.24 -10.87
CA LEU D 3 11.79 9.43 -11.97
C LEU D 3 11.10 10.31 -13.02
N GLU D 4 10.10 11.03 -12.56
CA GLU D 4 9.48 12.13 -13.28
C GLU D 4 10.44 12.88 -14.23
N LEU D 5 11.54 13.37 -13.67
CA LEU D 5 12.47 14.20 -14.41
C LEU D 5 13.26 13.40 -15.44
N GLN D 6 13.53 12.14 -15.14
CA GLN D 6 14.19 11.29 -16.09
C GLN D 6 13.27 11.02 -17.26
N LEU D 7 11.98 10.87 -16.98
CA LEU D 7 11.06 10.47 -18.03
C LEU D 7 10.94 11.67 -18.99
N LYS D 8 10.79 12.86 -18.41
CA LYS D 8 10.76 14.10 -19.15
C LYS D 8 12.01 14.28 -20.02
N HIS D 9 13.18 13.97 -19.46
CA HIS D 9 14.42 14.11 -20.20
C HIS D 9 14.41 13.20 -21.43
N TYR D 10 14.01 11.94 -21.23
CA TYR D 10 13.90 10.97 -22.32
C TYR D 10 12.86 11.32 -23.37
N ILE D 11 11.73 11.86 -22.93
CA ILE D 11 10.67 12.20 -23.85
C ILE D 11 11.04 13.46 -24.64
N THR D 12 11.70 14.43 -24.01
CA THR D 12 12.18 15.60 -24.76
C THR D 12 13.25 15.29 -25.79
N ASN D 13 14.15 14.37 -25.48
CA ASN D 13 15.09 13.88 -26.48
C ASN D 13 14.38 13.13 -27.59
N LEU D 14 13.60 12.12 -27.23
CA LEU D 14 12.96 11.27 -28.23
C LEU D 14 12.14 12.13 -29.19
N PHE D 15 11.44 13.12 -28.64
CA PHE D 15 10.44 13.84 -29.42
C PHE D 15 10.79 15.25 -29.84
N ASN D 16 12.04 15.62 -29.61
CA ASN D 16 12.58 16.95 -29.94
C ASN D 16 11.72 18.07 -29.33
N LEU D 17 11.39 17.96 -28.04
CA LEU D 17 10.59 18.99 -27.39
C LEU D 17 11.44 19.99 -26.59
N PRO D 18 10.80 21.10 -26.15
CA PRO D 18 11.56 22.07 -25.36
C PRO D 18 12.04 21.43 -24.09
N LYS D 19 13.34 21.61 -23.81
CA LYS D 19 13.97 21.07 -22.62
C LYS D 19 13.35 21.57 -21.29
N ASP D 20 12.99 22.85 -21.25
CA ASP D 20 12.63 23.54 -20.01
C ASP D 20 11.15 23.97 -19.99
N GLU D 21 10.35 23.53 -20.96
CA GLU D 21 8.91 23.80 -20.88
C GLU D 21 8.35 23.17 -19.60
N LYS D 22 7.48 23.92 -18.93
CA LYS D 22 6.92 23.45 -17.67
C LYS D 22 5.97 22.31 -17.98
N TRP D 23 6.16 21.20 -17.28
CA TRP D 23 5.24 20.06 -17.41
C TRP D 23 4.24 20.04 -16.23
N GLU D 24 2.96 19.80 -16.49
CA GLU D 24 1.99 19.55 -15.43
C GLU D 24 1.51 18.11 -15.40
N CYS D 25 0.74 17.76 -14.36
CA CYS D 25 0.41 16.36 -14.10
C CYS D 25 -1.06 16.15 -13.77
N GLU D 26 -1.66 15.17 -14.43
CA GLU D 26 -3.06 14.89 -14.15
C GLU D 26 -3.14 13.57 -13.43
N SER D 27 -3.76 13.55 -12.27
CA SER D 27 -3.76 12.32 -11.50
C SER D 27 -5.15 11.70 -11.31
N ILE D 28 -5.35 10.50 -11.86
CA ILE D 28 -6.64 9.78 -11.89
C ILE D 28 -6.58 8.37 -11.34
N GLU D 29 -7.46 8.03 -10.40
CA GLU D 29 -7.62 6.64 -9.98
C GLU D 29 -8.51 5.93 -11.00
N GLU D 30 -8.18 4.69 -11.32
CA GLU D 30 -9.00 3.89 -12.23
C GLU D 30 -8.59 2.42 -12.15
N ILE D 31 -9.52 1.50 -12.41
CA ILE D 31 -9.20 0.08 -12.42
C ILE D 31 -8.30 -0.24 -13.59
N ALA D 32 -7.42 -1.22 -13.41
CA ALA D 32 -6.41 -1.48 -14.41
C ALA D 32 -7.07 -1.97 -15.69
N ASP D 33 -8.16 -2.72 -15.56
CA ASP D 33 -8.89 -3.22 -16.72
C ASP D 33 -9.30 -2.14 -17.70
N ASP D 34 -9.53 -0.93 -17.21
CA ASP D 34 -9.86 0.20 -18.09
C ASP D 34 -8.65 0.97 -18.64
N ILE D 35 -7.44 0.52 -18.35
CA ILE D 35 -6.31 1.39 -18.68
C ILE D 35 -5.16 0.69 -19.40
N LEU D 36 -5.04 -0.62 -19.26
CA LEU D 36 -3.87 -1.32 -19.75
C LEU D 36 -4.24 -2.27 -20.86
N PRO D 37 -3.32 -2.49 -21.80
CA PRO D 37 -3.54 -3.46 -22.87
C PRO D 37 -4.01 -4.79 -22.31
N ASP D 38 -4.91 -5.46 -23.02
CA ASP D 38 -5.42 -6.77 -22.57
C ASP D 38 -4.34 -7.73 -22.06
N GLN D 39 -3.28 -7.94 -22.86
CA GLN D 39 -2.29 -8.98 -22.58
C GLN D 39 -1.54 -8.75 -21.29
N TYR D 40 -1.72 -7.57 -20.70
CA TYR D 40 -1.13 -7.24 -19.40
C TYR D 40 -2.06 -7.29 -18.21
N VAL D 41 -3.36 -7.48 -18.44
CA VAL D 41 -4.35 -7.49 -17.35
C VAL D 41 -4.92 -8.89 -17.15
N ARG D 42 -4.59 -9.53 -16.03
CA ARG D 42 -5.09 -10.87 -15.76
C ARG D 42 -5.46 -11.10 -14.30
N LEU D 43 -6.47 -11.95 -14.12
CA LEU D 43 -7.01 -12.25 -12.80
C LEU D 43 -5.93 -12.79 -11.85
N GLY D 44 -5.95 -12.31 -10.61
CA GLY D 44 -4.89 -12.64 -9.67
C GLY D 44 -3.62 -11.81 -9.87
N ALA D 45 -3.59 -11.03 -10.95
CA ALA D 45 -2.52 -10.09 -11.17
C ALA D 45 -3.04 -8.64 -11.10
N LEU D 46 -3.04 -7.94 -12.22
CA LEU D 46 -3.54 -6.56 -12.23
C LEU D 46 -5.05 -6.44 -12.30
N SER D 47 -5.74 -7.45 -12.83
CA SER D 47 -7.17 -7.30 -13.04
C SER D 47 -7.86 -6.87 -11.76
N ASN D 48 -8.79 -5.94 -11.88
CA ASN D 48 -9.62 -5.54 -10.75
C ASN D 48 -8.86 -4.79 -9.66
N LYS D 49 -7.67 -4.30 -9.99
CA LYS D 49 -6.94 -3.39 -9.11
C LYS D 49 -7.05 -1.93 -9.53
N ILE D 50 -7.42 -1.09 -8.56
CA ILE D 50 -7.32 0.36 -8.69
C ILE D 50 -5.88 0.86 -8.82
N LEU D 51 -5.60 1.63 -9.86
CA LEU D 51 -4.30 2.24 -10.04
C LEU D 51 -4.33 3.74 -9.80
N GLN D 52 -3.21 4.27 -9.33
CA GLN D 52 -3.06 5.70 -9.33
C GLN D 52 -2.31 6.12 -10.59
N THR D 53 -2.93 6.97 -11.42
CA THR D 53 -2.26 7.30 -12.67
C THR D 53 -1.76 8.72 -12.69
N TYR D 54 -0.63 8.93 -13.35
CA TYR D 54 -0.07 10.27 -13.55
C TYR D 54 0.15 10.45 -15.03
N THR D 55 -0.53 11.42 -15.62
CA THR D 55 -0.33 11.72 -17.04
C THR D 55 0.20 13.13 -17.13
N TYR D 56 1.34 13.29 -17.80
CA TYR D 56 1.98 14.60 -17.99
C TYR D 56 1.61 15.26 -19.29
N TYR D 57 1.49 16.59 -19.25
CA TYR D 57 1.07 17.38 -20.38
C TYR D 57 1.73 18.76 -20.30
N SER D 58 1.76 19.42 -21.45
CA SER D 58 2.24 20.78 -21.62
C SER D 58 1.65 21.25 -22.96
N ASP D 59 2.12 22.37 -23.48
CA ASP D 59 1.57 22.88 -24.71
C ASP D 59 2.08 22.02 -25.85
N THR D 60 3.37 21.73 -25.84
CA THR D 60 3.96 20.94 -26.91
C THR D 60 3.57 19.48 -26.88
N LEU D 61 3.29 18.95 -25.69
CA LEU D 61 2.79 17.57 -25.56
C LEU D 61 1.38 17.49 -26.14
N HIS D 62 0.53 18.46 -25.82
CA HIS D 62 -0.81 18.51 -26.39
C HIS D 62 -0.67 18.56 -27.92
N GLU D 63 0.15 19.47 -28.39
CA GLU D 63 0.33 19.72 -29.81
C GLU D 63 0.80 18.50 -30.58
N SER D 64 1.72 17.72 -30.00
CA SER D 64 2.13 16.46 -30.62
C SER D 64 1.31 15.25 -30.23
N ASN D 65 0.29 15.41 -29.41
CA ASN D 65 -0.45 14.31 -28.79
C ASN D 65 0.43 13.17 -28.29
N ILE D 66 1.43 13.55 -27.49
CA ILE D 66 2.20 12.63 -26.69
C ILE D 66 1.81 12.84 -25.21
N TYR D 67 1.46 11.75 -24.54
CA TYR D 67 1.10 11.81 -23.13
C TYR D 67 1.90 10.79 -22.35
N PRO D 68 2.99 11.24 -21.72
CA PRO D 68 3.78 10.36 -20.86
C PRO D 68 2.97 10.05 -19.60
N PHE D 69 3.20 8.89 -19.01
CA PHE D 69 2.46 8.53 -17.80
C PHE D 69 3.32 7.68 -16.88
N ILE D 70 3.03 7.73 -15.59
CA ILE D 70 3.53 6.76 -14.63
C ILE D 70 2.35 6.18 -13.81
N LEU D 71 2.38 4.87 -13.60
CA LEU D 71 1.28 4.19 -12.92
C LEU D 71 1.79 3.57 -11.64
N TYR D 72 0.99 3.70 -10.59
CA TYR D 72 1.23 3.04 -9.33
C TYR D 72 0.07 2.16 -8.86
N TYR D 73 0.40 1.13 -8.09
CA TYR D 73 -0.60 0.40 -7.34
C TYR D 73 -0.20 0.57 -5.89
N GLN D 74 -1.03 1.30 -5.17
CA GLN D 74 -0.68 1.81 -3.85
C GLN D 74 0.51 2.70 -4.10
N LYS D 75 1.64 2.29 -3.54
CA LYS D 75 2.88 3.02 -3.76
C LYS D 75 3.85 2.14 -4.52
N GLN D 76 3.34 1.07 -5.09
CA GLN D 76 4.16 0.23 -5.92
C GLN D 76 4.15 0.70 -7.40
N LEU D 77 5.33 1.04 -7.90
CA LEU D 77 5.51 1.44 -9.28
C LEU D 77 5.01 0.34 -10.19
N ILE D 78 4.14 0.67 -11.12
CA ILE D 78 3.54 -0.34 -11.99
C ILE D 78 3.98 -0.15 -13.43
N ALA D 79 4.24 1.08 -13.85
CA ALA D 79 4.45 1.37 -15.26
C ALA D 79 5.00 2.78 -15.49
N ILE D 80 5.78 2.89 -16.56
CA ILE D 80 6.33 4.14 -17.07
C ILE D 80 6.19 4.00 -18.57
N GLY D 81 5.71 5.03 -19.24
CA GLY D 81 5.51 4.94 -20.68
C GLY D 81 4.95 6.22 -21.23
N TYR D 82 4.41 6.14 -22.44
CA TYR D 82 3.71 7.25 -23.07
C TYR D 82 2.67 6.76 -24.03
N ILE D 83 1.61 7.55 -24.20
CA ILE D 83 0.67 7.36 -25.28
C ILE D 83 1.01 8.29 -26.42
N ASP D 84 0.87 7.78 -27.64
CA ASP D 84 1.27 8.51 -28.83
C ASP D 84 0.12 8.99 -29.69
N GLU D 85 0.53 9.69 -30.76
CA GLU D 85 -0.35 10.34 -31.74
C GLU D 85 -1.47 9.43 -32.25
N ASN D 86 -1.18 8.13 -32.31
CA ASN D 86 -2.11 7.08 -32.75
C ASN D 86 -2.85 6.35 -31.60
N HIS D 87 -2.54 6.72 -30.36
CA HIS D 87 -3.08 6.06 -29.17
C HIS D 87 -2.53 4.70 -28.77
N ASP D 88 -1.38 4.35 -29.34
CA ASP D 88 -0.62 3.20 -28.86
C ASP D 88 0.10 3.59 -27.56
N MET D 89 -0.12 2.79 -26.52
CA MET D 89 0.73 2.80 -25.32
C MET D 89 2.08 2.14 -25.57
N ASP D 90 3.13 2.84 -25.18
CA ASP D 90 4.50 2.31 -25.24
C ASP D 90 5.05 2.28 -23.80
N PHE D 91 5.83 1.26 -23.44
CA PHE D 91 6.21 1.08 -22.04
C PHE D 91 7.71 1.10 -21.88
N LEU D 92 8.19 1.73 -20.82
CA LEU D 92 9.59 1.61 -20.48
C LEU D 92 9.64 0.73 -19.27
N TYR D 93 8.48 0.40 -18.72
CA TYR D 93 8.42 -0.40 -17.49
C TYR D 93 7.01 -0.85 -17.30
N LEU D 94 6.86 -2.09 -16.88
CA LEU D 94 5.55 -2.60 -16.53
C LEU D 94 5.73 -3.84 -15.67
N HIS D 95 4.92 -3.88 -14.62
CA HIS D 95 5.02 -4.82 -13.52
C HIS D 95 3.57 -5.19 -13.20
N ASN D 96 3.32 -6.47 -13.00
CA ASN D 96 1.95 -6.91 -12.86
C ASN D 96 1.46 -7.11 -11.42
N THR D 97 2.16 -6.51 -10.46
CA THR D 97 2.06 -6.75 -9.01
C THR D 97 2.72 -8.04 -8.52
N ILE D 98 3.04 -8.94 -9.43
CA ILE D 98 3.92 -10.04 -9.07
C ILE D 98 5.36 -9.77 -9.45
N MET D 99 5.60 -9.41 -10.70
CA MET D 99 6.96 -9.34 -11.21
C MET D 99 7.01 -8.46 -12.45
N PRO D 100 8.21 -7.99 -12.80
CA PRO D 100 8.34 -7.09 -13.94
C PRO D 100 8.00 -7.89 -15.17
N LEU D 101 7.19 -7.32 -16.05
CA LEU D 101 6.98 -7.95 -17.34
C LEU D 101 7.89 -7.32 -18.38
N LEU D 102 8.24 -6.06 -18.16
CA LEU D 102 8.97 -5.33 -19.17
C LEU D 102 9.85 -4.34 -18.41
N ASP D 103 11.11 -4.21 -18.81
CA ASP D 103 12.03 -3.35 -18.09
C ASP D 103 13.02 -2.73 -19.06
N GLN D 104 12.74 -1.50 -19.49
CA GLN D 104 13.66 -0.75 -20.32
C GLN D 104 14.11 0.56 -19.65
N ARG D 105 13.98 0.61 -18.33
CA ARG D 105 14.26 1.82 -17.57
C ARG D 105 15.67 2.34 -17.81
N TYR D 106 16.51 1.53 -18.44
CA TYR D 106 17.87 1.96 -18.71
C TYR D 106 17.88 3.05 -19.80
N LEU D 107 16.87 3.07 -20.67
CA LEU D 107 16.74 4.18 -21.60
C LEU D 107 16.63 5.54 -20.93
N LEU D 108 16.14 5.57 -19.70
CA LEU D 108 16.10 6.79 -18.90
C LEU D 108 17.48 7.28 -18.41
N THR D 109 18.55 6.83 -19.04
CA THR D 109 19.88 7.46 -18.96
C THR D 109 20.80 7.07 -20.14
#